data_7D9P
#
_entry.id   7D9P
#
_cell.length_a   104.944
_cell.length_b   104.944
_cell.length_c   323.616
_cell.angle_alpha   90.000
_cell.angle_beta   90.000
_cell.angle_gamma   120.000
#
_symmetry.space_group_name_H-M   'P 31 2 1'
#
loop_
_entity.id
_entity.type
_entity.pdbx_description
1 polymer Acetylcholinesterase
2 branched 2-acetamido-2-deoxy-beta-D-glucopyranose-(1-4)-[alpha-L-fucopyranose-(1-6)]2-acetamido-2-deoxy-beta-D-glucopyranose
3 non-polymer (2S)-2-[[4-fluoranyl-1-[(2-fluorophenyl)methyl]piperidin-4-yl]methyl]-5,6-dimethoxy-2,3-dihydroinden-1-one
#
_entity_poly.entity_id   1
_entity_poly.type   'polypeptide(L)'
_entity_poly.pdbx_seq_one_letter_code
;GSHHHHHHHHEGREDAELLVTVRGGRLRGIRLKTPGGPVSAFLGIPFAEPPMGPRRFLPPEPKQPWSGVVDATTFQSVCY
QYVDTLYPGFEGTEMWNPNRELSEDCLYLNVWTPYPRPTSPTPVLVWIYGGGFYSGASSLDVYDGRFLVQAERTVLVSMN
YRVGAFGFLALPGSREAPGNVGLLDQRLALQWVQENVAAFGGDPTSVTLFGESAGAASVGMHLLSPPSRGLFHRAVLQSG
APNGPWATVGMGEARRRATQLAHLVGCPPGGTGGNDTELVACLRTRPAQVLVNHEWHVLPQESVFRFSFVPVVDGDFLSD
TPEALINAGDFHGLQVLVGVVKDEGSYFLVYGAPGFSKDNESLISRAEFLAGVRVGVPQVSDLAAEAVVLHYTDWLHPED
PARLREALSDVVGDHNVVCPVAQLAGRLAAQGARVYAYVFEHRASTLSWPLWMGVPHGYEIEFIFGIPLDPSRNYTAEEK
IFAQRLMRYWANFARTGDPNEPRDPKAPQWPPYTAGAQQYVSLDLRPLEVRRGLRAQACAFWNRFLPKLLSAT
;
_entity_poly.pdbx_strand_id   A,B
#
loop_
_chem_comp.id
_chem_comp.type
_chem_comp.name
_chem_comp.formula
FUC L-saccharide, alpha linking alpha-L-fucopyranose 'C6 H12 O5'
H0R non-polymer (2S)-2-[[4-fluoranyl-1-[(2-fluorophenyl)methyl]piperidin-4-yl]methyl]-5,6-dimethoxy-2,3-dihydroinden-1-one 'C24 H27 F2 N O3'
NAG D-saccharide, beta linking 2-acetamido-2-deoxy-beta-D-glucopyranose 'C8 H15 N O6'
#
# COMPACT_ATOMS: atom_id res chain seq x y z
N GLU A 14 45.65 -24.45 2.04
CA GLU A 14 44.22 -24.55 1.75
C GLU A 14 43.69 -25.91 2.17
N ASP A 15 42.37 -26.00 2.42
CA ASP A 15 41.75 -27.26 2.90
C ASP A 15 41.00 -27.94 1.77
N ALA A 16 41.23 -29.25 1.59
CA ALA A 16 40.64 -29.95 0.45
C ALA A 16 39.32 -30.60 0.83
N GLU A 17 38.94 -30.49 2.10
CA GLU A 17 37.62 -31.01 2.48
C GLU A 17 36.60 -29.93 2.16
N LEU A 18 37.08 -28.73 1.88
CA LEU A 18 36.17 -27.60 1.63
C LEU A 18 36.17 -27.32 0.13
N LEU A 19 36.73 -28.23 -0.65
CA LEU A 19 36.72 -28.09 -2.12
C LEU A 19 35.93 -29.26 -2.70
N VAL A 20 34.91 -28.98 -3.53
CA VAL A 20 34.01 -30.00 -4.05
C VAL A 20 33.69 -29.64 -5.48
N THR A 21 33.67 -30.64 -6.34
CA THR A 21 33.31 -30.46 -7.74
C THR A 21 31.96 -31.12 -7.95
N VAL A 22 31.00 -30.34 -8.42
CA VAL A 22 29.69 -30.85 -8.79
C VAL A 22 29.59 -30.76 -10.30
N ARG A 23 28.49 -31.31 -10.84
CA ARG A 23 28.39 -31.38 -12.29
C ARG A 23 28.63 -30.03 -12.95
N GLY A 24 28.25 -28.94 -12.29
CA GLY A 24 28.37 -27.63 -12.91
C GLY A 24 29.74 -26.97 -12.84
N GLY A 25 30.54 -27.34 -11.84
CA GLY A 25 31.84 -26.68 -11.64
C GLY A 25 32.37 -26.96 -10.24
N ARG A 26 33.32 -26.13 -9.84
CA ARG A 26 34.01 -26.31 -8.57
C ARG A 26 33.45 -25.36 -7.52
N LEU A 27 33.59 -25.74 -6.25
CA LEU A 27 33.03 -25.01 -5.10
C LEU A 27 34.04 -24.94 -3.95
N ARG A 28 34.15 -23.76 -3.31
CA ARG A 28 34.85 -23.61 -2.01
C ARG A 28 33.84 -23.44 -0.89
N GLY A 29 33.93 -24.30 0.13
CA GLY A 29 33.10 -24.19 1.30
C GLY A 29 33.79 -23.47 2.46
N ILE A 30 33.25 -23.68 3.65
CA ILE A 30 33.73 -23.00 4.83
C ILE A 30 33.55 -23.93 6.02
N ARG A 31 34.51 -23.90 6.94
CA ARG A 31 34.44 -24.71 8.14
C ARG A 31 33.67 -23.93 9.18
N LEU A 32 32.72 -24.60 9.81
CA LEU A 32 31.82 -23.91 10.77
C LEU A 32 32.02 -24.55 12.13
N LYS A 33 31.92 -23.76 13.20
CA LYS A 33 32.20 -24.31 14.54
C LYS A 33 30.91 -24.55 15.30
N THR A 34 30.78 -25.74 15.88
CA THR A 34 29.63 -26.04 16.76
C THR A 34 30.27 -26.34 18.11
N PRO A 35 29.56 -26.30 19.24
CA PRO A 35 30.16 -26.66 20.52
C PRO A 35 30.72 -28.09 20.57
N GLY A 36 30.33 -28.96 19.65
CA GLY A 36 30.77 -30.36 19.68
C GLY A 36 31.75 -30.69 18.57
N GLY A 37 32.02 -29.76 17.68
CA GLY A 37 33.05 -30.03 16.66
C GLY A 37 32.87 -29.24 15.39
N PRO A 38 33.80 -29.35 14.42
CA PRO A 38 33.67 -28.68 13.15
C PRO A 38 32.63 -29.27 12.19
N VAL A 39 32.19 -28.49 11.20
CA VAL A 39 31.20 -28.95 10.20
C VAL A 39 31.53 -28.27 8.87
N SER A 40 31.48 -28.98 7.75
CA SER A 40 31.72 -28.46 6.42
C SER A 40 30.42 -27.87 5.91
N ALA A 41 30.47 -26.63 5.43
CA ALA A 41 29.27 -25.99 4.90
C ALA A 41 29.58 -25.41 3.53
N PHE A 42 28.64 -25.62 2.61
CA PHE A 42 28.72 -25.08 1.25
C PHE A 42 27.42 -24.32 1.04
N LEU A 43 27.50 -23.00 1.13
CA LEU A 43 26.32 -22.13 1.17
C LEU A 43 26.27 -21.29 -0.09
N GLY A 44 25.12 -21.27 -0.74
CA GLY A 44 24.97 -20.43 -1.91
C GLY A 44 25.37 -21.10 -3.19
N ILE A 45 25.21 -22.41 -3.30
CA ILE A 45 25.47 -23.14 -4.53
C ILE A 45 24.34 -22.83 -5.51
N PRO A 46 24.62 -22.25 -6.67
CA PRO A 46 23.53 -21.99 -7.62
C PRO A 46 23.06 -23.30 -8.25
N PHE A 47 21.74 -23.46 -8.31
CA PHE A 47 21.12 -24.62 -8.93
C PHE A 47 20.12 -24.26 -10.02
N ALA A 48 19.93 -22.97 -10.32
CA ALA A 48 19.10 -22.58 -11.45
C ALA A 48 19.65 -21.31 -12.09
N GLU A 49 19.28 -21.12 -13.35
CA GLU A 49 19.51 -19.84 -13.99
C GLU A 49 18.65 -18.79 -13.31
N PRO A 50 19.20 -17.64 -12.95
CA PRO A 50 18.43 -16.62 -12.21
C PRO A 50 17.12 -16.33 -12.91
N PRO A 51 15.98 -16.45 -12.22
CA PRO A 51 14.67 -16.30 -12.89
C PRO A 51 14.25 -14.85 -13.02
N MET A 52 15.02 -14.11 -13.81
CA MET A 52 14.95 -12.67 -13.91
C MET A 52 14.46 -12.25 -15.29
N GLY A 53 13.92 -11.03 -15.37
CA GLY A 53 13.45 -10.48 -16.62
C GLY A 53 12.43 -11.37 -17.30
N PRO A 54 12.77 -11.87 -18.50
CA PRO A 54 11.80 -12.70 -19.23
C PRO A 54 11.62 -14.07 -18.62
N ARG A 55 12.47 -14.48 -17.67
CA ARG A 55 12.30 -15.73 -16.95
C ARG A 55 11.40 -15.58 -15.71
N ARG A 56 11.05 -14.36 -15.31
CA ARG A 56 10.11 -14.18 -14.20
C ARG A 56 8.80 -14.88 -14.53
N PHE A 57 8.26 -15.59 -13.54
CA PHE A 57 7.05 -16.44 -13.62
C PHE A 57 7.24 -17.72 -14.45
N LEU A 58 8.41 -17.98 -15.00
CA LEU A 58 8.57 -19.20 -15.76
C LEU A 58 9.22 -20.30 -14.93
N PRO A 59 9.03 -21.56 -15.30
CA PRO A 59 9.71 -22.66 -14.60
C PRO A 59 11.21 -22.47 -14.62
N PRO A 60 11.92 -23.05 -13.66
CA PRO A 60 13.36 -22.81 -13.57
C PRO A 60 14.16 -23.61 -14.60
N GLU A 61 15.17 -22.89 -15.32
CA GLU A 61 16.12 -23.69 -16.08
C GLU A 61 17.23 -24.21 -15.17
N PRO A 62 17.80 -25.37 -15.46
CA PRO A 62 19.00 -25.80 -14.70
C PRO A 62 20.19 -24.88 -14.94
N LYS A 63 21.03 -24.78 -13.91
CA LYS A 63 22.16 -23.86 -13.94
C LYS A 63 23.20 -24.31 -14.95
N GLN A 64 23.52 -23.43 -15.90
N GLN A 64 23.52 -23.44 -15.91
CA GLN A 64 24.55 -23.72 -16.88
CA GLN A 64 24.54 -23.76 -16.89
C GLN A 64 25.91 -23.83 -16.18
C GLN A 64 25.91 -23.82 -16.21
N PRO A 65 26.76 -24.78 -16.59
CA PRO A 65 28.07 -24.93 -15.93
C PRO A 65 28.92 -23.69 -15.99
N TRP A 66 29.85 -23.62 -15.03
CA TRP A 66 30.67 -22.45 -14.82
C TRP A 66 32.13 -22.86 -14.73
N SER A 67 33.00 -21.95 -15.14
CA SER A 67 34.43 -22.13 -14.96
C SER A 67 34.90 -21.32 -13.76
N GLY A 68 36.03 -21.71 -13.22
CA GLY A 68 36.44 -21.12 -11.97
C GLY A 68 35.75 -21.77 -10.80
N VAL A 69 36.00 -21.19 -9.62
CA VAL A 69 35.54 -21.76 -8.36
C VAL A 69 34.46 -20.83 -7.82
N VAL A 70 33.23 -21.33 -7.75
CA VAL A 70 32.14 -20.64 -7.05
C VAL A 70 32.45 -20.53 -5.56
N ASP A 71 32.32 -19.29 -5.05
CA ASP A 71 32.43 -18.99 -3.62
C ASP A 71 31.16 -19.44 -2.92
N ALA A 72 31.28 -20.46 -2.06
CA ALA A 72 30.12 -20.95 -1.33
C ALA A 72 30.37 -20.87 0.18
N THR A 73 30.79 -19.70 0.67
CA THR A 73 31.09 -19.54 2.10
C THR A 73 30.07 -18.70 2.83
N THR A 74 29.06 -18.18 2.14
CA THR A 74 28.07 -17.33 2.76
C THR A 74 26.71 -17.62 2.14
N PHE A 75 25.65 -17.41 2.92
CA PHE A 75 24.30 -17.49 2.35
C PHE A 75 24.14 -16.46 1.25
N GLN A 76 23.25 -16.76 0.35
CA GLN A 76 22.98 -15.90 -0.77
C GLN A 76 21.65 -15.22 -0.54
N SER A 77 21.29 -14.36 -1.49
CA SER A 77 20.07 -13.56 -1.46
C SER A 77 18.81 -14.31 -1.02
N VAL A 78 17.87 -13.58 -0.44
CA VAL A 78 16.52 -14.05 -0.15
C VAL A 78 15.65 -13.71 -1.35
N CYS A 79 14.69 -14.58 -1.71
CA CYS A 79 13.77 -14.26 -2.80
C CYS A 79 12.82 -13.13 -2.35
N TYR A 80 12.43 -12.25 -3.31
CA TYR A 80 11.53 -11.16 -2.93
C TYR A 80 10.29 -11.63 -2.18
N GLN A 81 10.01 -10.97 -1.07
CA GLN A 81 8.90 -11.35 -0.25
C GLN A 81 8.48 -10.15 0.58
N TYR A 82 7.22 -10.12 0.97
CA TYR A 82 6.77 -9.17 1.99
C TYR A 82 7.60 -9.31 3.25
N VAL A 83 7.83 -8.20 3.94
CA VAL A 83 8.51 -8.22 5.23
C VAL A 83 7.52 -7.82 6.32
N ASP A 84 7.47 -8.62 7.38
CA ASP A 84 6.48 -8.41 8.44
C ASP A 84 6.80 -7.13 9.20
N THR A 85 5.83 -6.23 9.28
CA THR A 85 6.01 -4.98 10.01
C THR A 85 5.12 -4.89 11.25
N LEU A 86 4.57 -6.02 11.71
CA LEU A 86 3.50 -5.96 12.70
C LEU A 86 4.00 -5.37 14.01
N TYR A 87 5.13 -5.86 14.50
CA TYR A 87 5.71 -5.37 15.75
C TYR A 87 7.16 -5.00 15.47
N PRO A 88 7.40 -3.86 14.83
CA PRO A 88 8.73 -3.56 14.30
C PRO A 88 9.80 -3.67 15.38
N GLY A 89 10.88 -4.39 15.06
CA GLY A 89 11.95 -4.63 15.99
C GLY A 89 11.70 -5.71 17.02
N PHE A 90 10.49 -6.26 17.08
CA PHE A 90 10.21 -7.35 18.02
C PHE A 90 10.88 -8.64 17.54
N GLU A 91 11.66 -9.26 18.43
CA GLU A 91 12.34 -10.52 18.07
C GLU A 91 11.38 -11.58 17.57
N GLY A 92 10.18 -11.64 18.16
CA GLY A 92 9.22 -12.66 17.77
C GLY A 92 8.80 -12.58 16.30
N THR A 93 8.77 -11.39 15.72
CA THR A 93 8.53 -11.28 14.29
C THR A 93 9.80 -11.17 13.47
N GLU A 94 10.89 -10.60 14.00
CA GLU A 94 12.07 -10.36 13.15
C GLU A 94 12.83 -11.65 12.87
N MET A 95 12.75 -12.63 13.78
CA MET A 95 13.44 -13.90 13.59
C MET A 95 12.98 -14.62 12.34
N TRP A 96 11.88 -14.19 11.72
CA TRP A 96 11.36 -14.76 10.48
C TRP A 96 11.57 -13.88 9.28
N ASN A 97 12.01 -12.65 9.46
CA ASN A 97 12.15 -11.74 8.34
C ASN A 97 13.48 -11.95 7.64
N PRO A 98 13.57 -11.58 6.36
CA PRO A 98 14.80 -11.84 5.60
C PRO A 98 16.02 -11.28 6.31
N ASN A 99 17.10 -12.04 6.33
CA ASN A 99 18.35 -11.53 6.88
C ASN A 99 19.46 -11.51 5.84
N ARG A 100 19.11 -11.33 4.57
CA ARG A 100 20.02 -11.07 3.47
C ARG A 100 19.27 -10.18 2.49
N GLU A 101 19.99 -9.55 1.57
CA GLU A 101 19.31 -8.66 0.63
C GLU A 101 18.25 -9.44 -0.12
N LEU A 102 17.17 -8.77 -0.48
CA LEU A 102 16.21 -9.35 -1.41
C LEU A 102 16.74 -9.25 -2.84
N SER A 103 16.54 -10.32 -3.61
CA SER A 103 16.81 -10.32 -5.04
C SER A 103 15.95 -11.36 -5.73
N GLU A 104 15.62 -11.11 -6.99
CA GLU A 104 15.05 -12.21 -7.78
C GLU A 104 16.09 -13.27 -8.13
N ASP A 105 17.38 -12.92 -8.11
CA ASP A 105 18.47 -13.88 -8.28
C ASP A 105 18.71 -14.51 -6.92
N CYS A 106 17.89 -15.52 -6.62
CA CYS A 106 17.86 -16.13 -5.28
C CYS A 106 17.83 -17.65 -5.29
N LEU A 107 17.89 -18.29 -6.44
CA LEU A 107 17.75 -19.75 -6.51
C LEU A 107 19.10 -20.40 -6.22
N TYR A 108 19.45 -20.44 -4.93
CA TYR A 108 20.63 -21.10 -4.42
C TYR A 108 20.22 -22.15 -3.38
N LEU A 109 21.11 -23.13 -3.15
CA LEU A 109 20.88 -24.06 -2.06
C LEU A 109 22.13 -24.17 -1.21
N ASN A 110 22.02 -24.96 -0.14
CA ASN A 110 22.99 -25.00 0.93
C ASN A 110 23.24 -26.47 1.27
N VAL A 111 24.48 -26.84 1.53
CA VAL A 111 24.79 -28.22 1.95
C VAL A 111 25.67 -28.16 3.17
N TRP A 112 25.28 -28.86 4.23
CA TRP A 112 26.03 -29.00 5.46
C TRP A 112 26.38 -30.47 5.62
N THR A 113 27.63 -30.76 5.91
CA THR A 113 28.09 -32.13 6.01
C THR A 113 29.11 -32.20 7.14
N PRO A 114 29.30 -33.38 7.75
CA PRO A 114 30.32 -33.50 8.80
C PRO A 114 31.71 -33.14 8.30
N TYR A 115 32.61 -32.90 9.25
CA TYR A 115 34.01 -32.63 8.98
C TYR A 115 34.87 -33.67 9.68
N PRO A 116 35.76 -34.37 8.95
CA PRO A 116 35.94 -34.28 7.51
C PRO A 116 34.73 -34.87 6.73
N ARG A 117 34.56 -34.49 5.47
CA ARG A 117 33.43 -34.98 4.69
C ARG A 117 33.34 -36.50 4.82
N PRO A 118 32.13 -37.04 5.02
CA PRO A 118 31.99 -38.50 5.06
C PRO A 118 32.57 -39.13 3.80
N THR A 119 33.23 -40.25 3.98
CA THR A 119 33.80 -40.99 2.87
C THR A 119 32.90 -42.15 2.46
N SER A 120 31.81 -42.38 3.19
CA SER A 120 30.82 -43.39 2.86
C SER A 120 29.42 -42.76 2.86
N PRO A 121 28.50 -43.30 2.05
CA PRO A 121 27.16 -42.69 1.90
C PRO A 121 26.40 -42.47 3.20
N THR A 122 26.05 -41.22 3.44
CA THR A 122 25.38 -40.67 4.59
C THR A 122 23.94 -40.28 4.22
N PRO A 123 22.98 -40.59 5.08
CA PRO A 123 21.58 -40.22 4.79
C PRO A 123 21.43 -38.70 4.68
N VAL A 124 20.51 -38.28 3.82
CA VAL A 124 20.33 -36.87 3.50
C VAL A 124 18.96 -36.41 4.00
N LEU A 125 18.95 -35.28 4.71
CA LEU A 125 17.73 -34.55 5.06
C LEU A 125 17.65 -33.27 4.23
N VAL A 126 16.50 -33.03 3.63
CA VAL A 126 16.26 -31.84 2.82
C VAL A 126 15.18 -31.01 3.51
N TRP A 127 15.51 -29.76 3.78
CA TRP A 127 14.63 -28.87 4.52
C TRP A 127 13.96 -27.90 3.54
N ILE A 128 12.63 -27.94 3.47
CA ILE A 128 11.85 -26.94 2.75
C ILE A 128 11.22 -26.01 3.77
N TYR A 129 11.48 -24.71 3.65
CA TYR A 129 11.01 -23.83 4.71
C TYR A 129 9.58 -23.41 4.46
N GLY A 130 8.89 -23.07 5.54
CA GLY A 130 7.58 -22.48 5.48
C GLY A 130 7.63 -20.97 5.40
N GLY A 131 6.46 -20.36 5.61
CA GLY A 131 6.24 -18.95 5.36
C GLY A 131 5.01 -18.70 4.52
N GLY A 132 3.97 -19.53 4.65
CA GLY A 132 2.73 -19.32 3.91
C GLY A 132 2.85 -19.18 2.40
N PHE A 133 3.96 -19.62 1.81
CA PHE A 133 4.28 -19.50 0.38
C PHE A 133 4.47 -18.06 -0.07
N TYR A 134 4.44 -17.08 0.83
CA TYR A 134 4.72 -15.69 0.49
C TYR A 134 6.07 -15.21 1.02
N SER A 135 6.73 -16.01 1.89
CA SER A 135 7.95 -15.58 2.54
C SER A 135 8.79 -16.81 2.90
N GLY A 136 9.97 -16.54 3.48
CA GLY A 136 10.85 -17.59 3.96
C GLY A 136 12.23 -17.48 3.36
N ALA A 137 13.24 -18.11 4.00
CA ALA A 137 14.58 -18.15 3.43
C ALA A 137 15.40 -19.23 4.14
N SER A 138 16.32 -19.85 3.40
CA SER A 138 17.15 -20.89 3.96
C SER A 138 18.20 -20.36 4.93
N SER A 139 18.39 -19.04 4.98
CA SER A 139 19.44 -18.38 5.75
C SER A 139 19.00 -17.97 7.15
N LEU A 140 17.75 -18.22 7.53
CA LEU A 140 17.32 -17.83 8.85
C LEU A 140 18.13 -18.56 9.90
N ASP A 141 18.36 -17.87 11.02
CA ASP A 141 19.16 -18.44 12.09
C ASP A 141 18.57 -19.73 12.60
N VAL A 142 17.24 -19.82 12.71
CA VAL A 142 16.62 -21.03 13.23
C VAL A 142 16.74 -22.23 12.30
N TYR A 143 17.14 -22.03 11.04
CA TYR A 143 17.33 -23.16 10.13
C TYR A 143 18.79 -23.59 10.02
N ASP A 144 19.64 -23.20 10.97
CA ASP A 144 21.07 -23.50 10.89
C ASP A 144 21.33 -25.00 10.98
N GLY A 145 21.95 -25.55 9.94
CA GLY A 145 22.11 -26.99 9.88
C GLY A 145 23.19 -27.54 10.78
N ARG A 146 24.12 -26.68 11.21
CA ARG A 146 25.37 -27.15 11.81
C ARG A 146 25.15 -28.09 12.99
N PHE A 147 24.10 -27.90 13.79
CA PHE A 147 24.01 -28.73 14.99
C PHE A 147 23.49 -30.14 14.68
N LEU A 148 22.46 -30.26 13.82
CA LEU A 148 22.03 -31.59 13.38
C LEU A 148 23.18 -32.35 12.73
N VAL A 149 23.85 -31.71 11.78
CA VAL A 149 24.92 -32.37 11.04
C VAL A 149 25.95 -32.94 12.01
N GLN A 150 26.38 -32.13 12.98
CA GLN A 150 27.39 -32.58 13.94
C GLN A 150 26.84 -33.68 14.83
N ALA A 151 25.73 -33.42 15.50
CA ALA A 151 25.20 -34.36 16.48
C ALA A 151 24.79 -35.69 15.84
N GLU A 152 24.31 -35.68 14.60
CA GLU A 152 23.65 -36.85 14.05
C GLU A 152 24.27 -37.34 12.74
N ARG A 153 25.30 -36.66 12.25
CA ARG A 153 26.10 -37.11 11.13
C ARG A 153 25.25 -37.53 9.94
N THR A 154 24.29 -36.67 9.60
CA THR A 154 23.62 -36.76 8.31
C THR A 154 24.14 -35.64 7.42
N VAL A 155 23.81 -35.71 6.14
CA VAL A 155 23.97 -34.56 5.27
C VAL A 155 22.67 -33.79 5.27
N LEU A 156 22.75 -32.47 5.34
CA LEU A 156 21.56 -31.65 5.35
C LEU A 156 21.62 -30.67 4.20
N VAL A 157 20.56 -30.64 3.40
CA VAL A 157 20.42 -29.70 2.29
C VAL A 157 19.20 -28.83 2.57
N SER A 158 19.29 -27.55 2.22
CA SER A 158 18.10 -26.71 2.15
C SER A 158 18.24 -25.80 0.95
N MET A 159 17.10 -25.35 0.43
CA MET A 159 17.09 -24.54 -0.77
C MET A 159 16.14 -23.37 -0.60
N ASN A 160 16.41 -22.31 -1.35
CA ASN A 160 15.51 -21.19 -1.52
C ASN A 160 14.60 -21.47 -2.72
N TYR A 161 13.30 -21.29 -2.55
CA TYR A 161 12.37 -21.39 -3.67
C TYR A 161 11.58 -20.10 -3.77
N ARG A 162 11.19 -19.74 -4.99
CA ARG A 162 10.47 -18.48 -5.18
C ARG A 162 9.13 -18.48 -4.43
N VAL A 163 8.73 -17.32 -3.91
CA VAL A 163 7.52 -17.19 -3.12
C VAL A 163 6.69 -16.02 -3.66
N GLY A 164 5.51 -15.82 -3.05
CA GLY A 164 4.59 -14.80 -3.46
C GLY A 164 4.24 -14.92 -4.93
N ALA A 165 3.96 -13.79 -5.58
CA ALA A 165 3.62 -13.86 -7.00
C ALA A 165 4.75 -14.46 -7.83
N PHE A 166 6.00 -14.30 -7.39
CA PHE A 166 7.12 -14.80 -8.18
C PHE A 166 7.11 -16.32 -8.26
N GLY A 167 6.66 -16.98 -7.21
CA GLY A 167 6.61 -18.42 -7.22
C GLY A 167 5.26 -19.00 -7.61
N PHE A 168 4.17 -18.26 -7.36
CA PHE A 168 2.88 -18.94 -7.44
C PHE A 168 1.80 -18.15 -8.15
N LEU A 169 2.13 -17.00 -8.72
CA LEU A 169 1.16 -16.34 -9.58
C LEU A 169 0.83 -17.25 -10.75
N ALA A 170 -0.46 -17.44 -11.00
CA ALA A 170 -0.91 -18.37 -12.04
C ALA A 170 -2.01 -17.73 -12.87
N LEU A 171 -1.77 -17.66 -14.18
CA LEU A 171 -2.84 -17.58 -15.17
C LEU A 171 -2.97 -18.97 -15.79
N PRO A 172 -3.83 -19.82 -15.22
CA PRO A 172 -3.82 -21.25 -15.57
C PRO A 172 -4.12 -21.48 -17.05
N GLY A 173 -3.39 -22.42 -17.65
CA GLY A 173 -3.47 -22.69 -19.07
C GLY A 173 -2.55 -21.84 -19.92
N SER A 174 -2.04 -20.74 -19.37
CA SER A 174 -1.18 -19.84 -20.12
C SER A 174 0.25 -20.33 -20.09
N ARG A 175 1.00 -20.01 -21.12
CA ARG A 175 2.39 -20.44 -21.19
C ARG A 175 3.33 -19.45 -20.52
N GLU A 176 2.87 -18.23 -20.26
CA GLU A 176 3.74 -17.19 -19.69
C GLU A 176 3.67 -17.12 -18.18
N ALA A 177 2.63 -17.71 -17.56
CA ALA A 177 2.50 -17.75 -16.11
C ALA A 177 1.68 -18.99 -15.73
N PRO A 178 2.29 -20.18 -15.80
CA PRO A 178 1.51 -21.41 -15.59
C PRO A 178 1.21 -21.75 -14.15
N GLY A 179 1.91 -21.17 -13.18
CA GLY A 179 1.64 -21.53 -11.82
C GLY A 179 2.61 -22.58 -11.30
N ASN A 180 2.79 -22.60 -9.98
CA ASN A 180 3.52 -23.62 -9.24
C ASN A 180 5.02 -23.58 -9.49
N VAL A 181 5.55 -22.51 -10.08
CA VAL A 181 6.97 -22.53 -10.38
C VAL A 181 7.80 -22.60 -9.10
N GLY A 182 7.31 -22.04 -7.99
CA GLY A 182 8.03 -22.21 -6.73
C GLY A 182 8.18 -23.67 -6.36
N LEU A 183 7.11 -24.44 -6.52
CA LEU A 183 7.20 -25.89 -6.34
C LEU A 183 8.22 -26.51 -7.28
N LEU A 184 8.27 -26.05 -8.54
CA LEU A 184 9.23 -26.62 -9.47
C LEU A 184 10.65 -26.29 -9.04
N ASP A 185 10.88 -25.07 -8.52
CA ASP A 185 12.16 -24.72 -7.92
C ASP A 185 12.57 -25.77 -6.91
N GLN A 186 11.66 -26.12 -6.01
CA GLN A 186 11.91 -27.19 -5.05
C GLN A 186 12.28 -28.49 -5.77
N ARG A 187 11.51 -28.87 -6.80
CA ARG A 187 11.77 -30.14 -7.47
C ARG A 187 13.16 -30.16 -8.08
N LEU A 188 13.56 -29.08 -8.73
CA LEU A 188 14.91 -29.00 -9.25
C LEU A 188 15.98 -29.10 -8.17
N ALA A 189 15.78 -28.47 -7.02
CA ALA A 189 16.74 -28.70 -5.94
C ALA A 189 16.80 -30.19 -5.60
N LEU A 190 15.65 -30.86 -5.52
CA LEU A 190 15.63 -32.31 -5.27
C LEU A 190 16.32 -33.08 -6.39
N GLN A 191 16.14 -32.66 -7.65
CA GLN A 191 16.89 -33.28 -8.73
C GLN A 191 18.38 -33.02 -8.57
N TRP A 192 18.76 -31.76 -8.36
CA TRP A 192 20.16 -31.44 -8.09
C TRP A 192 20.74 -32.35 -7.00
N VAL A 193 19.97 -32.63 -5.95
CA VAL A 193 20.49 -33.48 -4.89
C VAL A 193 20.78 -34.88 -5.41
N GLN A 194 19.91 -35.40 -6.28
CA GLN A 194 20.12 -36.74 -6.82
C GLN A 194 21.44 -36.84 -7.59
N GLU A 195 21.77 -35.83 -8.38
CA GLU A 195 22.96 -35.90 -9.22
C GLU A 195 24.24 -35.50 -8.51
N ASN A 196 24.17 -34.80 -7.38
CA ASN A 196 25.35 -34.17 -6.83
C ASN A 196 25.57 -34.42 -5.37
N VAL A 197 24.63 -35.02 -4.64
CA VAL A 197 24.82 -35.04 -3.19
C VAL A 197 25.96 -35.97 -2.82
N ALA A 198 26.23 -37.00 -3.63
CA ALA A 198 27.32 -37.92 -3.35
C ALA A 198 28.69 -37.23 -3.37
N ALA A 199 28.83 -36.16 -4.17
CA ALA A 199 30.09 -35.41 -4.15
C ALA A 199 30.41 -34.85 -2.78
N PHE A 200 29.44 -34.83 -1.87
CA PHE A 200 29.60 -34.36 -0.50
C PHE A 200 29.54 -35.49 0.51
N GLY A 201 29.32 -36.73 0.07
CA GLY A 201 29.18 -37.85 0.98
C GLY A 201 27.76 -38.27 1.26
N GLY A 202 26.78 -37.61 0.65
CA GLY A 202 25.41 -38.00 0.86
C GLY A 202 25.02 -39.17 -0.03
N ASP A 203 24.08 -39.96 0.47
CA ASP A 203 23.53 -41.12 -0.22
C ASP A 203 22.25 -40.72 -0.93
N PRO A 204 22.26 -40.52 -2.26
CA PRO A 204 21.03 -40.11 -2.96
C PRO A 204 19.92 -41.13 -2.89
N THR A 205 20.19 -42.33 -2.37
CA THR A 205 19.16 -43.36 -2.24
C THR A 205 18.48 -43.34 -0.88
N SER A 206 18.80 -42.39 -0.01
CA SER A 206 18.10 -42.28 1.28
C SER A 206 17.95 -40.80 1.62
N VAL A 207 16.98 -40.16 0.98
CA VAL A 207 16.71 -38.74 1.10
C VAL A 207 15.36 -38.53 1.79
N THR A 208 15.39 -37.87 2.94
CA THR A 208 14.18 -37.51 3.68
C THR A 208 13.85 -36.03 3.48
N LEU A 209 12.64 -35.72 3.03
CA LEU A 209 12.15 -34.36 3.06
C LEU A 209 11.56 -34.03 4.43
N PHE A 210 11.80 -32.80 4.89
CA PHE A 210 11.08 -32.34 6.05
C PHE A 210 10.84 -30.85 5.91
N GLY A 211 9.65 -30.42 6.32
CA GLY A 211 9.24 -29.04 6.24
C GLY A 211 8.29 -28.69 7.36
N GLU A 212 8.01 -27.39 7.48
CA GLU A 212 7.09 -26.84 8.48
C GLU A 212 6.17 -25.83 7.81
N SER A 213 4.88 -25.82 8.22
CA SER A 213 3.86 -24.88 7.73
C SER A 213 3.79 -25.03 6.21
N ALA A 214 4.01 -23.96 5.42
CA ALA A 214 3.97 -24.13 3.97
C ALA A 214 5.04 -25.08 3.45
N GLY A 215 6.05 -25.40 4.26
CA GLY A 215 7.06 -26.36 3.88
C GLY A 215 6.59 -27.78 4.03
N ALA A 216 5.82 -28.05 5.08
CA ALA A 216 5.15 -29.34 5.21
C ALA A 216 4.10 -29.51 4.12
N ALA A 217 3.41 -28.42 3.77
CA ALA A 217 2.45 -28.53 2.69
C ALA A 217 3.16 -28.84 1.40
N SER A 218 4.35 -28.29 1.22
CA SER A 218 5.15 -28.55 0.02
C SER A 218 5.59 -30.00 -0.03
N VAL A 219 6.19 -30.49 1.05
CA VAL A 219 6.56 -31.90 1.18
C VAL A 219 5.39 -32.74 0.73
N GLY A 220 4.22 -32.49 1.30
CA GLY A 220 3.04 -33.25 0.93
C GLY A 220 2.71 -33.14 -0.55
N MET A 221 2.89 -31.96 -1.14
CA MET A 221 2.62 -31.91 -2.56
C MET A 221 3.64 -32.69 -3.36
N HIS A 222 4.86 -32.83 -2.87
CA HIS A 222 5.79 -33.72 -3.56
C HIS A 222 5.38 -35.19 -3.41
N LEU A 223 4.81 -35.59 -2.27
CA LEU A 223 4.28 -36.95 -2.15
C LEU A 223 3.23 -37.25 -3.23
N LEU A 224 2.37 -36.28 -3.54
CA LEU A 224 1.22 -36.49 -4.40
C LEU A 224 1.49 -36.11 -5.85
N SER A 225 2.73 -35.86 -6.22
CA SER A 225 3.09 -35.50 -7.59
C SER A 225 4.12 -36.49 -8.09
N PRO A 226 3.73 -37.41 -9.00
CA PRO A 226 4.62 -38.49 -9.44
C PRO A 226 6.02 -38.02 -9.82
N PRO A 227 6.19 -36.98 -10.67
CA PRO A 227 7.57 -36.59 -11.03
C PRO A 227 8.47 -36.29 -9.85
N SER A 228 7.93 -35.87 -8.71
CA SER A 228 8.75 -35.62 -7.53
C SER A 228 8.94 -36.85 -6.67
N ARG A 229 7.98 -37.78 -6.72
CA ARG A 229 8.00 -38.92 -5.81
C ARG A 229 9.27 -39.76 -5.99
N GLY A 230 9.87 -39.75 -7.20
CA GLY A 230 11.12 -40.45 -7.41
C GLY A 230 12.36 -39.83 -6.79
N LEU A 231 12.22 -38.72 -6.08
CA LEU A 231 13.36 -37.90 -5.70
C LEU A 231 13.65 -37.92 -4.20
N PHE A 232 12.88 -38.68 -3.43
CA PHE A 232 13.06 -38.79 -2.00
C PHE A 232 12.35 -40.06 -1.54
N HIS A 233 12.47 -40.39 -0.25
CA HIS A 233 12.06 -41.71 0.24
C HIS A 233 11.22 -41.66 1.50
N ARG A 234 11.40 -40.61 2.28
CA ARG A 234 10.67 -40.43 3.51
C ARG A 234 10.31 -38.96 3.62
N ALA A 235 9.28 -38.65 4.41
CA ALA A 235 8.80 -37.28 4.55
C ALA A 235 8.50 -36.94 6.01
N VAL A 236 8.84 -35.72 6.43
CA VAL A 236 8.38 -35.20 7.71
C VAL A 236 7.53 -33.98 7.44
N LEU A 237 6.32 -33.95 7.99
CA LEU A 237 5.39 -32.84 7.82
C LEU A 237 5.13 -32.26 9.20
N GLN A 238 5.67 -31.08 9.47
CA GLN A 238 5.51 -30.39 10.76
C GLN A 238 4.52 -29.22 10.60
N SER A 239 3.33 -29.36 11.20
CA SER A 239 2.40 -28.25 11.34
C SER A 239 1.92 -27.73 9.99
N GLY A 240 1.65 -28.64 9.07
CA GLY A 240 1.23 -28.26 7.73
C GLY A 240 0.87 -29.49 6.93
N ALA A 241 0.06 -29.27 5.89
CA ALA A 241 -0.36 -30.40 5.08
C ALA A 241 -0.89 -29.85 3.77
N PRO A 242 -0.80 -30.61 2.69
CA PRO A 242 -1.22 -30.07 1.39
C PRO A 242 -2.73 -29.93 1.26
N ASN A 243 -3.48 -30.62 2.11
CA ASN A 243 -4.93 -30.59 2.11
C ASN A 243 -5.51 -29.49 3.03
N GLY A 244 -4.68 -28.61 3.60
CA GLY A 244 -5.17 -27.46 4.32
C GLY A 244 -5.97 -26.50 3.44
N PRO A 245 -6.96 -25.80 4.02
CA PRO A 245 -7.73 -24.80 3.24
C PRO A 245 -6.93 -23.60 2.75
N TRP A 246 -5.68 -23.43 3.19
CA TRP A 246 -4.87 -22.30 2.76
C TRP A 246 -3.79 -22.67 1.75
N ALA A 247 -3.54 -23.96 1.54
CA ALA A 247 -2.35 -24.40 0.81
C ALA A 247 -2.57 -24.45 -0.69
N THR A 248 -3.80 -24.40 -1.17
CA THR A 248 -4.09 -24.54 -2.59
C THR A 248 -5.26 -23.64 -2.93
N VAL A 249 -5.38 -23.31 -4.22
CA VAL A 249 -6.40 -22.42 -4.73
C VAL A 249 -6.84 -23.01 -6.07
N GLY A 250 -8.11 -22.82 -6.41
CA GLY A 250 -8.58 -23.33 -7.69
C GLY A 250 -8.11 -22.46 -8.84
N MET A 251 -8.24 -22.99 -10.05
CA MET A 251 -7.92 -22.16 -11.22
C MET A 251 -8.67 -20.82 -11.23
N GLY A 252 -10.00 -20.86 -11.10
CA GLY A 252 -10.78 -19.63 -11.16
C GLY A 252 -10.23 -18.53 -10.28
N GLU A 253 -10.00 -18.83 -8.99
CA GLU A 253 -9.56 -17.81 -8.04
C GLU A 253 -8.10 -17.42 -8.25
N ALA A 254 -7.26 -18.36 -8.71
CA ALA A 254 -5.92 -17.97 -9.09
C ALA A 254 -5.95 -16.92 -10.19
N ARG A 255 -6.86 -17.07 -11.15
CA ARG A 255 -6.95 -16.10 -12.24
C ARG A 255 -7.51 -14.77 -11.76
N ARG A 256 -8.52 -14.81 -10.90
CA ARG A 256 -9.00 -13.56 -10.33
C ARG A 256 -7.88 -12.84 -9.61
N ARG A 257 -7.11 -13.56 -8.79
CA ARG A 257 -6.09 -12.93 -7.96
C ARG A 257 -4.96 -12.39 -8.81
N ALA A 258 -4.55 -13.13 -9.82
CA ALA A 258 -3.53 -12.61 -10.72
C ALA A 258 -4.04 -11.39 -11.45
N THR A 259 -5.29 -11.46 -11.95
CA THR A 259 -5.87 -10.35 -12.69
C THR A 259 -5.97 -9.09 -11.82
N GLN A 260 -6.37 -9.24 -10.55
CA GLN A 260 -6.48 -8.04 -9.74
C GLN A 260 -5.12 -7.49 -9.37
N LEU A 261 -4.11 -8.35 -9.27
CA LEU A 261 -2.76 -7.84 -9.02
C LEU A 261 -2.31 -6.98 -10.18
N ALA A 262 -2.56 -7.43 -11.40
CA ALA A 262 -2.23 -6.61 -12.57
C ALA A 262 -2.87 -5.23 -12.48
N HIS A 263 -4.18 -5.20 -12.25
CA HIS A 263 -4.89 -3.93 -12.16
C HIS A 263 -4.29 -3.02 -11.11
N LEU A 264 -3.98 -3.57 -9.93
CA LEU A 264 -3.51 -2.76 -8.82
C LEU A 264 -2.16 -2.10 -9.09
N VAL A 265 -1.39 -2.59 -10.07
CA VAL A 265 -0.08 -2.03 -10.39
C VAL A 265 -0.07 -1.42 -11.79
N GLY A 266 -1.24 -1.19 -12.37
CA GLY A 266 -1.31 -0.43 -13.60
C GLY A 266 -1.27 -1.24 -14.87
N CYS A 267 -1.59 -2.50 -14.83
CA CYS A 267 -1.50 -3.29 -16.03
C CYS A 267 -2.88 -3.64 -16.55
N PRO A 268 -3.03 -3.80 -17.88
CA PRO A 268 -4.29 -4.27 -18.48
C PRO A 268 -4.74 -5.69 -18.08
N ASN A 275 -6.20 -10.71 -22.68
CA ASN A 275 -5.17 -11.54 -23.30
C ASN A 275 -4.06 -11.78 -22.26
N ASP A 276 -3.80 -13.05 -21.92
CA ASP A 276 -2.84 -13.37 -20.86
C ASP A 276 -1.44 -12.89 -21.21
N THR A 277 -0.99 -13.14 -22.45
CA THR A 277 0.35 -12.72 -22.88
C THR A 277 0.62 -11.26 -22.56
N GLU A 278 -0.30 -10.38 -22.95
CA GLU A 278 -0.14 -8.95 -22.72
C GLU A 278 -0.14 -8.61 -21.24
N LEU A 279 -0.97 -9.31 -20.47
CA LEU A 279 -1.01 -9.08 -19.03
C LEU A 279 0.34 -9.43 -18.37
N VAL A 280 0.84 -10.65 -18.60
CA VAL A 280 2.05 -11.08 -17.93
C VAL A 280 3.23 -10.24 -18.42
N ALA A 281 3.23 -9.87 -19.70
CA ALA A 281 4.29 -9.03 -20.24
C ALA A 281 4.43 -7.75 -19.42
N CYS A 282 3.29 -7.09 -19.18
CA CYS A 282 3.29 -5.87 -18.40
C CYS A 282 3.80 -6.13 -16.98
N LEU A 283 3.42 -7.26 -16.38
CA LEU A 283 3.89 -7.55 -15.02
C LEU A 283 5.41 -7.68 -14.97
N ARG A 284 6.04 -8.29 -15.99
CA ARG A 284 7.49 -8.45 -15.95
C ARG A 284 8.23 -7.11 -15.95
N THR A 285 7.59 -6.04 -16.42
CA THR A 285 8.26 -4.74 -16.42
C THR A 285 8.20 -4.05 -15.06
N ARG A 286 7.49 -4.62 -14.10
CA ARG A 286 7.41 -3.88 -12.85
C ARG A 286 8.55 -4.29 -11.92
N PRO A 287 9.10 -3.35 -11.19
CA PRO A 287 10.00 -3.71 -10.08
C PRO A 287 9.39 -4.82 -9.23
N ALA A 288 10.24 -5.71 -8.73
CA ALA A 288 9.74 -6.77 -7.87
C ALA A 288 8.97 -6.18 -6.70
N GLN A 289 9.59 -5.22 -5.99
CA GLN A 289 8.93 -4.64 -4.82
C GLN A 289 7.50 -4.16 -5.13
N VAL A 290 7.26 -3.67 -6.34
CA VAL A 290 5.93 -3.18 -6.66
C VAL A 290 4.89 -4.29 -6.49
N LEU A 291 5.19 -5.49 -6.99
CA LEU A 291 4.25 -6.60 -6.86
C LEU A 291 4.05 -6.97 -5.41
N VAL A 292 5.12 -7.04 -4.64
CA VAL A 292 5.02 -7.34 -3.21
C VAL A 292 4.07 -6.36 -2.51
N ASN A 293 4.12 -5.07 -2.86
CA ASN A 293 3.40 -4.07 -2.08
C ASN A 293 1.90 -4.31 -2.10
N HIS A 294 1.38 -4.79 -3.22
CA HIS A 294 -0.04 -5.03 -3.40
C HIS A 294 -0.45 -6.47 -3.17
N GLU A 295 0.42 -7.29 -2.56
CA GLU A 295 0.17 -8.71 -2.49
C GLU A 295 -1.09 -9.01 -1.70
N TRP A 296 -1.20 -8.45 -0.50
CA TRP A 296 -2.30 -8.80 0.40
C TRP A 296 -3.65 -8.26 -0.06
N HIS A 297 -3.68 -7.29 -0.97
CA HIS A 297 -4.93 -6.68 -1.37
C HIS A 297 -5.74 -7.54 -2.33
N VAL A 298 -5.18 -8.64 -2.86
CA VAL A 298 -5.97 -9.49 -3.75
C VAL A 298 -6.69 -10.61 -2.99
N LEU A 299 -6.49 -10.71 -1.68
CA LEU A 299 -7.32 -11.63 -0.92
C LEU A 299 -8.77 -11.19 -0.99
N PRO A 300 -9.71 -12.13 -1.05
CA PRO A 300 -11.10 -11.75 -1.32
C PRO A 300 -11.90 -11.27 -0.13
N GLN A 301 -11.47 -11.56 1.10
CA GLN A 301 -12.07 -10.97 2.30
C GLN A 301 -11.10 -10.95 3.46
N GLU A 302 -11.47 -10.12 4.43
CA GLU A 302 -10.75 -10.01 5.69
C GLU A 302 -10.54 -11.41 6.25
N SER A 303 -9.28 -11.73 6.53
CA SER A 303 -8.91 -13.11 6.80
C SER A 303 -7.69 -13.14 7.67
N VAL A 304 -7.43 -14.31 8.26
CA VAL A 304 -6.06 -14.61 8.69
C VAL A 304 -5.74 -16.02 8.24
N PHE A 305 -4.46 -16.38 8.15
CA PHE A 305 -4.03 -17.74 7.70
C PHE A 305 -4.49 -18.01 6.28
N ARG A 306 -4.59 -16.97 5.46
CA ARG A 306 -4.88 -17.07 4.05
C ARG A 306 -3.82 -16.24 3.36
N PHE A 307 -3.35 -16.71 2.20
CA PHE A 307 -2.24 -16.08 1.51
C PHE A 307 -2.53 -16.00 0.02
N SER A 308 -2.07 -14.92 -0.63
CA SER A 308 -2.59 -14.59 -1.97
C SER A 308 -2.15 -15.61 -3.01
N PHE A 309 -0.85 -15.84 -3.13
CA PHE A 309 -0.31 -16.68 -4.20
C PHE A 309 0.23 -17.96 -3.58
N VAL A 310 -0.47 -19.05 -3.86
CA VAL A 310 -0.24 -20.39 -3.31
C VAL A 310 -0.34 -21.36 -4.47
N PRO A 311 0.03 -22.64 -4.29
CA PRO A 311 -0.10 -23.63 -5.37
C PRO A 311 -1.51 -23.71 -5.93
N VAL A 312 -1.60 -23.98 -7.22
CA VAL A 312 -2.87 -24.05 -7.92
C VAL A 312 -3.12 -25.48 -8.40
N VAL A 313 -4.36 -25.94 -8.26
CA VAL A 313 -4.76 -27.24 -8.77
C VAL A 313 -5.17 -27.04 -10.22
N ASP A 314 -4.31 -27.47 -11.14
CA ASP A 314 -4.52 -27.23 -12.57
C ASP A 314 -4.41 -28.50 -13.40
N GLY A 315 -4.28 -29.67 -12.77
CA GLY A 315 -4.09 -30.90 -13.49
C GLY A 315 -2.65 -31.24 -13.79
N ASP A 316 -1.74 -30.27 -13.74
CA ASP A 316 -0.33 -30.51 -14.07
C ASP A 316 0.47 -30.99 -12.85
N PHE A 317 0.97 -30.07 -12.02
CA PHE A 317 1.75 -30.50 -10.85
C PHE A 317 0.88 -31.31 -9.88
N LEU A 318 -0.39 -30.91 -9.71
CA LEU A 318 -1.40 -31.70 -9.01
C LEU A 318 -2.49 -32.08 -10.00
N SER A 319 -2.58 -33.37 -10.33
CA SER A 319 -3.62 -33.82 -11.28
C SER A 319 -5.03 -33.69 -10.72
N ASP A 320 -5.16 -33.47 -9.42
CA ASP A 320 -6.45 -33.28 -8.75
C ASP A 320 -6.17 -32.55 -7.44
N THR A 321 -7.22 -32.32 -6.66
CA THR A 321 -7.03 -31.66 -5.38
C THR A 321 -6.21 -32.55 -4.46
N PRO A 322 -5.44 -31.99 -3.54
CA PRO A 322 -4.70 -32.87 -2.64
C PRO A 322 -5.62 -33.73 -1.80
N GLU A 323 -6.80 -33.22 -1.41
N GLU A 323 -6.79 -33.22 -1.41
CA GLU A 323 -7.75 -34.07 -0.70
CA GLU A 323 -7.75 -34.06 -0.70
C GLU A 323 -8.15 -35.26 -1.55
C GLU A 323 -8.13 -35.27 -1.55
N ALA A 324 -8.26 -35.08 -2.86
CA ALA A 324 -8.62 -36.19 -3.73
C ALA A 324 -7.47 -37.17 -3.90
N LEU A 325 -6.29 -36.66 -4.30
CA LEU A 325 -5.11 -37.51 -4.48
C LEU A 325 -4.74 -38.28 -3.22
N ILE A 326 -5.05 -37.74 -2.04
CA ILE A 326 -4.80 -38.47 -0.79
C ILE A 326 -5.76 -39.63 -0.65
N ASN A 327 -7.06 -39.37 -0.81
CA ASN A 327 -8.07 -40.42 -0.61
C ASN A 327 -7.93 -41.57 -1.61
N ALA A 328 -7.15 -41.36 -2.67
CA ALA A 328 -7.04 -42.33 -3.76
C ALA A 328 -5.67 -42.97 -3.87
N GLY A 329 -4.73 -42.60 -3.03
CA GLY A 329 -3.36 -43.05 -3.20
C GLY A 329 -3.09 -44.40 -2.54
N ASP A 330 -2.06 -45.08 -3.07
CA ASP A 330 -1.51 -46.29 -2.49
C ASP A 330 -0.18 -45.89 -1.87
N PHE A 331 -0.12 -45.91 -0.54
CA PHE A 331 1.03 -45.41 0.19
C PHE A 331 1.78 -46.53 0.91
N HIS A 332 1.63 -47.78 0.47
CA HIS A 332 2.52 -48.84 0.92
C HIS A 332 3.95 -48.49 0.52
N GLY A 333 4.88 -48.62 1.48
CA GLY A 333 6.27 -48.32 1.24
C GLY A 333 6.70 -46.96 1.72
N LEU A 334 5.77 -46.18 2.24
CA LEU A 334 6.03 -44.81 2.68
C LEU A 334 6.06 -44.78 4.20
N GLN A 335 7.07 -44.13 4.76
CA GLN A 335 7.10 -43.79 6.19
C GLN A 335 7.01 -42.28 6.33
N VAL A 336 6.13 -41.82 7.20
CA VAL A 336 5.87 -40.40 7.36
C VAL A 336 5.89 -40.07 8.85
N LEU A 337 6.48 -38.92 9.18
CA LEU A 337 6.44 -38.36 10.53
C LEU A 337 5.68 -37.04 10.44
N VAL A 338 4.57 -36.93 11.17
CA VAL A 338 3.71 -35.75 11.10
C VAL A 338 3.41 -35.31 12.52
N GLY A 339 3.18 -34.01 12.70
CA GLY A 339 2.88 -33.52 14.02
C GLY A 339 2.48 -32.06 14.00
N VAL A 340 2.09 -31.58 15.17
CA VAL A 340 1.56 -30.24 15.36
C VAL A 340 2.09 -29.69 16.67
N VAL A 341 2.06 -28.37 16.80
CA VAL A 341 2.30 -27.78 18.11
C VAL A 341 0.98 -27.75 18.87
N LYS A 342 1.07 -27.47 20.17
CA LYS A 342 -0.07 -27.54 21.07
C LYS A 342 -1.08 -26.40 20.84
N ASP A 343 -0.61 -25.19 20.48
CA ASP A 343 -1.48 -24.05 20.25
C ASP A 343 -1.28 -23.52 18.82
N GLU A 344 -1.76 -24.29 17.83
CA GLU A 344 -1.51 -23.96 16.44
C GLU A 344 -2.09 -22.62 16.04
N GLY A 345 -3.29 -22.29 16.53
CA GLY A 345 -3.98 -21.11 16.03
C GLY A 345 -3.53 -19.79 16.64
N SER A 346 -3.07 -19.82 17.91
CA SER A 346 -2.95 -18.60 18.69
C SER A 346 -2.17 -17.53 17.94
N TYR A 347 -1.02 -17.87 17.36
CA TYR A 347 -0.16 -16.88 16.67
C TYR A 347 -0.91 -16.10 15.60
N PHE A 348 -1.79 -16.75 14.84
CA PHE A 348 -2.36 -16.05 13.71
C PHE A 348 -3.35 -14.97 14.10
N LEU A 349 -3.81 -14.97 15.36
CA LEU A 349 -4.92 -14.11 15.75
C LEU A 349 -4.51 -12.63 15.80
N VAL A 350 -3.27 -12.33 16.17
CA VAL A 350 -2.77 -10.96 16.26
C VAL A 350 -2.51 -10.34 14.90
N TYR A 351 -2.96 -10.98 13.83
CA TYR A 351 -2.86 -10.40 12.50
C TYR A 351 -4.22 -9.99 11.94
N GLY A 352 -5.25 -9.87 12.77
CA GLY A 352 -6.51 -9.36 12.24
C GLY A 352 -7.78 -9.83 12.90
N ALA A 353 -7.67 -10.66 13.93
CA ALA A 353 -8.85 -10.98 14.72
C ALA A 353 -9.14 -9.84 15.68
N PRO A 354 -10.36 -9.32 15.69
CA PRO A 354 -10.72 -8.20 16.57
C PRO A 354 -10.41 -8.46 18.05
N GLY A 355 -9.69 -7.53 18.66
CA GLY A 355 -9.46 -7.54 20.07
C GLY A 355 -8.19 -8.24 20.51
N PHE A 356 -7.36 -8.70 19.58
CA PHE A 356 -6.18 -9.46 19.93
C PHE A 356 -4.94 -8.57 19.84
N SER A 357 -4.02 -8.77 20.78
CA SER A 357 -2.72 -8.13 20.73
C SER A 357 -1.74 -8.99 21.51
N LYS A 358 -0.45 -8.90 21.16
CA LYS A 358 0.55 -9.59 21.96
C LYS A 358 0.81 -8.87 23.28
N ASP A 359 0.26 -7.67 23.45
CA ASP A 359 0.63 -6.79 24.54
C ASP A 359 -0.40 -6.70 25.65
N ASN A 360 -1.54 -7.39 25.53
CA ASN A 360 -2.44 -7.50 26.66
C ASN A 360 -2.85 -8.97 26.74
N GLU A 361 -3.94 -9.25 27.43
CA GLU A 361 -4.37 -10.62 27.65
C GLU A 361 -5.34 -11.11 26.58
N SER A 362 -5.70 -10.23 25.66
CA SER A 362 -6.64 -10.54 24.59
C SER A 362 -7.88 -11.26 25.13
N LEU A 363 -8.45 -10.72 26.20
CA LEU A 363 -9.68 -11.26 26.78
C LEU A 363 -10.86 -10.70 25.99
N ILE A 364 -11.11 -11.31 24.82
CA ILE A 364 -12.15 -10.81 23.89
C ILE A 364 -13.55 -11.03 24.45
N SER A 365 -14.49 -10.24 23.93
CA SER A 365 -15.91 -10.34 24.22
C SER A 365 -16.58 -11.30 23.24
N ARG A 366 -17.79 -11.74 23.62
CA ARG A 366 -18.55 -12.63 22.74
C ARG A 366 -18.70 -12.02 21.35
N ALA A 367 -18.94 -10.71 21.27
CA ALA A 367 -19.16 -10.13 19.95
C ALA A 367 -17.88 -10.19 19.12
N GLU A 368 -16.72 -10.02 19.78
CA GLU A 368 -15.43 -10.13 19.10
C GLU A 368 -15.15 -11.55 18.66
N PHE A 369 -15.44 -12.53 19.53
CA PHE A 369 -15.32 -13.92 19.17
C PHE A 369 -16.11 -14.22 17.91
N LEU A 370 -17.39 -13.85 17.89
CA LEU A 370 -18.21 -14.06 16.70
C LEU A 370 -17.59 -13.39 15.48
N ALA A 371 -17.09 -12.16 15.66
CA ALA A 371 -16.43 -11.46 14.55
C ALA A 371 -15.17 -12.20 14.12
N GLY A 372 -14.35 -12.61 15.09
CA GLY A 372 -13.14 -13.35 14.82
C GLY A 372 -13.38 -14.69 14.16
N VAL A 373 -14.57 -15.25 14.31
CA VAL A 373 -14.83 -16.53 13.67
C VAL A 373 -14.96 -16.35 12.17
N ARG A 374 -15.56 -15.24 11.72
CA ARG A 374 -15.64 -15.05 10.27
C ARG A 374 -14.29 -14.67 9.69
N VAL A 375 -13.35 -14.23 10.53
CA VAL A 375 -12.02 -13.92 10.03
C VAL A 375 -11.17 -15.18 9.95
N GLY A 376 -11.23 -16.03 10.98
CA GLY A 376 -10.51 -17.30 10.99
C GLY A 376 -11.07 -18.33 10.02
N VAL A 377 -12.34 -18.24 9.65
CA VAL A 377 -12.95 -19.20 8.75
C VAL A 377 -13.56 -18.42 7.61
N PRO A 378 -12.75 -17.86 6.70
CA PRO A 378 -13.30 -17.00 5.64
C PRO A 378 -13.84 -17.78 4.45
N GLN A 379 -14.76 -17.14 3.73
CA GLN A 379 -15.48 -17.77 2.61
C GLN A 379 -16.10 -19.12 2.98
N VAL A 380 -16.85 -19.11 4.07
CA VAL A 380 -17.85 -20.13 4.31
C VAL A 380 -19.18 -19.42 4.48
N SER A 381 -20.27 -20.16 4.26
CA SER A 381 -21.61 -19.61 4.35
C SER A 381 -21.95 -19.25 5.80
N ASP A 382 -23.00 -18.43 5.99
CA ASP A 382 -23.41 -18.10 7.35
C ASP A 382 -23.78 -19.36 8.11
N LEU A 383 -24.47 -20.28 7.43
CA LEU A 383 -24.79 -21.55 8.05
C LEU A 383 -23.53 -22.27 8.51
N ALA A 384 -22.46 -22.22 7.72
CA ALA A 384 -21.21 -22.87 8.11
C ALA A 384 -20.60 -22.20 9.33
N ALA A 385 -20.53 -20.87 9.31
CA ALA A 385 -19.98 -20.13 10.46
C ALA A 385 -20.79 -20.38 11.72
N GLU A 386 -22.12 -20.41 11.59
CA GLU A 386 -22.97 -20.74 12.73
C GLU A 386 -22.53 -22.07 13.34
N ALA A 387 -22.38 -23.10 12.50
CA ALA A 387 -21.95 -24.41 12.98
C ALA A 387 -20.60 -24.33 13.70
N VAL A 388 -19.68 -23.46 13.23
CA VAL A 388 -18.42 -23.32 13.92
C VAL A 388 -18.65 -22.77 15.33
N VAL A 389 -19.50 -21.76 15.44
CA VAL A 389 -19.79 -21.14 16.73
C VAL A 389 -20.51 -22.11 17.66
N LEU A 390 -21.39 -22.95 17.13
CA LEU A 390 -21.99 -24.00 17.95
C LEU A 390 -20.93 -24.89 18.58
N HIS A 391 -20.08 -25.50 17.74
N HIS A 391 -20.08 -25.49 17.75
CA HIS A 391 -19.13 -26.50 18.23
CA HIS A 391 -19.15 -26.50 18.27
C HIS A 391 -18.13 -25.89 19.21
C HIS A 391 -18.07 -25.90 19.15
N TYR A 392 -17.78 -24.61 19.03
CA TYR A 392 -16.69 -24.03 19.78
C TYR A 392 -17.14 -23.09 20.89
N THR A 393 -18.42 -23.02 21.19
CA THR A 393 -18.90 -22.32 22.38
C THR A 393 -19.06 -23.31 23.53
N ASP A 394 -18.67 -22.89 24.73
CA ASP A 394 -19.05 -23.58 25.95
C ASP A 394 -20.39 -22.98 26.39
N TRP A 395 -21.49 -23.72 26.19
CA TRP A 395 -22.79 -23.10 26.41
C TRP A 395 -23.14 -22.99 27.89
N LEU A 396 -22.30 -23.53 28.76
CA LEU A 396 -22.34 -23.20 30.18
C LEU A 396 -21.62 -21.89 30.49
N HIS A 397 -20.73 -21.43 29.61
CA HIS A 397 -19.96 -20.21 29.84
C HIS A 397 -19.84 -19.43 28.52
N PRO A 398 -20.98 -19.09 27.91
CA PRO A 398 -20.93 -18.58 26.52
C PRO A 398 -20.24 -17.24 26.33
N GLU A 399 -19.92 -16.50 27.38
CA GLU A 399 -19.31 -15.18 27.22
C GLU A 399 -18.05 -15.01 28.06
N ASP A 400 -17.48 -16.10 28.59
CA ASP A 400 -16.27 -16.03 29.38
C ASP A 400 -15.08 -15.64 28.51
N PRO A 401 -14.43 -14.50 28.77
CA PRO A 401 -13.40 -14.01 27.82
C PRO A 401 -12.21 -14.94 27.64
N ALA A 402 -11.66 -15.49 28.73
CA ALA A 402 -10.54 -16.42 28.57
C ALA A 402 -10.94 -17.65 27.78
N ARG A 403 -12.16 -18.19 28.02
CA ARG A 403 -12.63 -19.35 27.27
C ARG A 403 -12.80 -19.04 25.79
N LEU A 404 -13.24 -17.81 25.46
CA LEU A 404 -13.43 -17.42 24.06
C LEU A 404 -12.10 -17.21 23.34
N ARG A 405 -11.13 -16.60 24.01
CA ARG A 405 -9.78 -16.49 23.45
C ARG A 405 -9.23 -17.86 23.07
N GLU A 406 -9.26 -18.82 24.00
CA GLU A 406 -8.74 -20.15 23.67
C GLU A 406 -9.59 -20.80 22.58
N ALA A 407 -10.90 -20.58 22.61
CA ALA A 407 -11.79 -21.19 21.63
C ALA A 407 -11.49 -20.70 20.22
N LEU A 408 -11.33 -19.39 20.04
CA LEU A 408 -11.05 -18.89 18.72
C LEU A 408 -9.68 -19.37 18.24
N SER A 409 -8.71 -19.42 19.15
CA SER A 409 -7.43 -20.05 18.84
C SER A 409 -7.64 -21.47 18.32
N ASP A 410 -8.45 -22.28 19.02
CA ASP A 410 -8.73 -23.64 18.58
C ASP A 410 -9.41 -23.66 17.21
N VAL A 411 -10.32 -22.72 16.95
CA VAL A 411 -10.95 -22.64 15.62
C VAL A 411 -9.88 -22.50 14.53
N VAL A 412 -9.04 -21.47 14.63
CA VAL A 412 -8.05 -21.18 13.59
C VAL A 412 -7.04 -22.33 13.46
N GLY A 413 -6.61 -22.91 14.59
CA GLY A 413 -5.62 -23.96 14.55
C GLY A 413 -6.17 -25.29 14.06
N ASP A 414 -7.42 -25.59 14.42
CA ASP A 414 -8.03 -26.86 14.01
C ASP A 414 -8.40 -26.79 12.52
N HIS A 415 -8.95 -25.66 12.07
CA HIS A 415 -9.41 -25.53 10.70
C HIS A 415 -8.25 -25.60 9.73
N ASN A 416 -7.10 -25.05 10.12
CA ASN A 416 -6.01 -24.82 9.20
C ASN A 416 -4.86 -25.80 9.34
N VAL A 417 -4.64 -26.35 10.52
CA VAL A 417 -3.46 -27.19 10.66
C VAL A 417 -3.79 -28.55 11.22
N VAL A 418 -4.41 -28.58 12.40
CA VAL A 418 -4.52 -29.86 13.10
C VAL A 418 -5.41 -30.83 12.34
N CYS A 419 -6.58 -30.38 11.88
CA CYS A 419 -7.47 -31.32 11.21
C CYS A 419 -7.04 -31.62 9.79
N PRO A 420 -6.56 -30.66 8.99
CA PRO A 420 -5.84 -31.07 7.78
C PRO A 420 -4.79 -32.13 8.06
N VAL A 421 -3.96 -31.93 9.10
CA VAL A 421 -2.92 -32.91 9.38
C VAL A 421 -3.52 -34.23 9.82
N ALA A 422 -4.52 -34.20 10.71
CA ALA A 422 -5.11 -35.44 11.19
C ALA A 422 -5.75 -36.25 10.06
N GLN A 423 -6.29 -35.58 9.04
CA GLN A 423 -6.84 -36.33 7.92
C GLN A 423 -5.76 -36.98 7.10
N LEU A 424 -4.72 -36.21 6.77
CA LEU A 424 -3.58 -36.76 6.04
C LEU A 424 -3.05 -38.02 6.73
N ALA A 425 -2.75 -37.91 8.04
CA ALA A 425 -2.25 -39.05 8.79
C ALA A 425 -3.15 -40.26 8.66
N GLY A 426 -4.46 -40.06 8.89
CA GLY A 426 -5.40 -41.16 8.88
C GLY A 426 -5.54 -41.82 7.52
N ARG A 427 -5.54 -41.02 6.45
CA ARG A 427 -5.66 -41.64 5.13
C ARG A 427 -4.33 -42.29 4.74
N LEU A 428 -3.20 -41.67 5.07
CA LEU A 428 -1.94 -42.34 4.76
C LEU A 428 -1.82 -43.65 5.53
N ALA A 429 -2.25 -43.69 6.79
CA ALA A 429 -2.08 -44.91 7.57
C ALA A 429 -2.96 -46.06 7.05
N ALA A 430 -4.23 -45.78 6.74
CA ALA A 430 -5.23 -46.76 6.32
C ALA A 430 -5.05 -47.20 4.86
N GLN A 431 -4.04 -46.60 4.22
CA GLN A 431 -3.75 -46.86 2.78
C GLN A 431 -2.37 -47.48 2.61
N GLY A 432 -1.64 -47.73 3.69
CA GLY A 432 -0.48 -48.58 3.60
C GLY A 432 0.80 -47.92 4.05
N ALA A 433 0.75 -46.67 4.49
CA ALA A 433 1.94 -46.00 5.00
C ALA A 433 2.08 -46.25 6.49
N ARG A 434 3.32 -46.16 6.97
CA ARG A 434 3.59 -46.24 8.39
C ARG A 434 3.79 -44.82 8.91
N VAL A 435 2.93 -44.40 9.84
CA VAL A 435 2.87 -43.00 10.23
C VAL A 435 3.23 -42.87 11.71
N TYR A 436 4.08 -41.90 12.03
CA TYR A 436 4.33 -41.51 13.41
C TYR A 436 3.83 -40.09 13.63
N ALA A 437 3.13 -39.87 14.75
CA ALA A 437 2.47 -38.60 15.02
C ALA A 437 2.88 -38.05 16.39
N TYR A 438 3.09 -36.74 16.47
CA TYR A 438 3.49 -36.12 17.72
C TYR A 438 2.66 -34.86 17.97
N VAL A 439 2.57 -34.48 19.24
CA VAL A 439 2.19 -33.12 19.61
C VAL A 439 3.35 -32.54 20.41
N PHE A 440 3.81 -31.37 20.00
CA PHE A 440 4.95 -30.71 20.64
C PHE A 440 4.40 -29.76 21.70
N GLU A 441 4.70 -30.05 22.97
CA GLU A 441 4.05 -29.35 24.06
C GLU A 441 4.99 -28.52 24.91
N HIS A 442 6.18 -28.17 24.40
CA HIS A 442 7.13 -27.41 25.20
C HIS A 442 7.15 -25.93 24.80
N ARG A 443 6.83 -25.07 25.76
CA ARG A 443 7.06 -23.64 25.55
C ARG A 443 8.53 -23.33 25.80
N ALA A 444 9.18 -22.71 24.83
CA ALA A 444 10.59 -22.41 24.94
C ALA A 444 10.80 -21.34 26.00
N SER A 445 11.74 -21.58 26.91
CA SER A 445 12.02 -20.60 27.98
C SER A 445 12.38 -19.22 27.40
N THR A 446 12.99 -19.18 26.22
CA THR A 446 13.40 -17.95 25.56
C THR A 446 12.27 -17.30 24.76
N LEU A 447 11.07 -17.86 24.80
CA LEU A 447 10.03 -17.39 23.91
C LEU A 447 9.56 -16.00 24.34
N SER A 448 9.49 -15.10 23.36
CA SER A 448 9.13 -13.70 23.60
C SER A 448 7.66 -13.37 23.37
N TRP A 449 6.85 -14.28 22.82
CA TRP A 449 5.41 -14.01 22.72
C TRP A 449 4.74 -14.22 24.07
N PRO A 450 3.58 -13.60 24.29
CA PRO A 450 2.98 -13.63 25.62
C PRO A 450 2.58 -15.04 26.02
N LEU A 451 2.32 -15.20 27.31
CA LEU A 451 2.18 -16.54 27.84
C LEU A 451 0.91 -17.18 27.31
N TRP A 452 -0.09 -16.35 26.94
CA TRP A 452 -1.40 -16.85 26.55
C TRP A 452 -1.37 -17.51 25.19
N MET A 453 -0.32 -17.27 24.40
CA MET A 453 -0.23 -17.95 23.13
C MET A 453 0.24 -19.40 23.27
N GLY A 454 0.63 -19.82 24.48
CA GLY A 454 0.98 -21.22 24.70
C GLY A 454 2.27 -21.59 23.97
N VAL A 455 2.22 -22.70 23.23
CA VAL A 455 3.28 -23.11 22.31
C VAL A 455 2.86 -22.77 20.88
N PRO A 456 3.30 -21.67 20.30
CA PRO A 456 2.70 -21.19 19.03
C PRO A 456 3.26 -21.88 17.79
N HIS A 457 2.55 -21.70 16.68
CA HIS A 457 3.01 -22.16 15.38
C HIS A 457 4.47 -21.80 15.14
N GLY A 458 5.30 -22.80 14.81
CA GLY A 458 6.67 -22.60 14.39
C GLY A 458 7.74 -22.76 15.47
N TYR A 459 7.37 -22.78 16.74
CA TYR A 459 8.38 -22.73 17.79
C TYR A 459 8.82 -24.12 18.25
N GLU A 460 8.69 -25.14 17.39
CA GLU A 460 9.40 -26.39 17.56
C GLU A 460 10.65 -26.49 16.69
N ILE A 461 10.73 -25.67 15.64
CA ILE A 461 11.80 -25.77 14.65
C ILE A 461 13.18 -25.67 15.32
N GLU A 462 13.31 -24.69 16.20
CA GLU A 462 14.57 -24.50 16.95
C GLU A 462 14.95 -25.78 17.68
N PHE A 463 13.98 -26.51 18.25
CA PHE A 463 14.48 -27.68 18.95
C PHE A 463 14.93 -28.75 17.95
N ILE A 464 14.21 -28.88 16.81
CA ILE A 464 14.57 -29.89 15.81
C ILE A 464 15.97 -29.62 15.25
N PHE A 465 16.29 -28.37 14.98
CA PHE A 465 17.61 -28.00 14.46
C PHE A 465 18.67 -27.90 15.54
N GLY A 466 18.31 -28.11 16.81
CA GLY A 466 19.27 -28.11 17.90
C GLY A 466 19.87 -26.77 18.24
N ILE A 467 19.16 -25.68 17.99
CA ILE A 467 19.63 -24.34 18.31
C ILE A 467 19.89 -24.14 19.80
N PRO A 468 19.15 -24.80 20.70
CA PRO A 468 19.49 -24.72 22.14
C PRO A 468 20.94 -25.01 22.49
N LEU A 469 21.64 -25.84 21.70
CA LEU A 469 23.03 -26.16 22.00
C LEU A 469 23.98 -25.01 21.69
N ASP A 470 23.52 -24.00 20.92
CA ASP A 470 24.29 -22.76 20.71
C ASP A 470 24.59 -22.13 22.06
N PRO A 471 25.85 -22.00 22.48
CA PRO A 471 26.10 -21.48 23.82
C PRO A 471 25.68 -20.02 23.96
N SER A 472 25.83 -19.22 22.90
CA SER A 472 25.51 -17.80 22.94
C SER A 472 24.00 -17.52 22.96
N ARG A 473 23.20 -18.51 23.36
CA ARG A 473 21.76 -18.31 23.54
C ARG A 473 21.38 -18.89 24.89
N ASN A 474 20.23 -18.47 25.40
CA ASN A 474 19.95 -18.59 26.82
C ASN A 474 19.07 -19.80 27.16
N TYR A 475 19.29 -20.95 26.55
CA TYR A 475 18.42 -22.09 26.83
C TYR A 475 18.91 -22.86 28.05
N THR A 476 17.98 -23.54 28.72
CA THR A 476 18.32 -24.21 29.96
C THR A 476 19.06 -25.50 29.67
N ALA A 477 19.66 -26.09 30.70
CA ALA A 477 20.31 -27.38 30.52
C ALA A 477 19.30 -28.45 30.13
N GLU A 478 18.10 -28.40 30.72
CA GLU A 478 17.11 -29.43 30.42
C GLU A 478 16.58 -29.29 29.00
N GLU A 479 16.65 -28.07 28.44
CA GLU A 479 16.23 -27.85 27.06
C GLU A 479 17.26 -28.37 26.05
N LYS A 480 18.55 -28.23 26.34
CA LYS A 480 19.59 -28.79 25.48
C LYS A 480 19.45 -30.30 25.36
N ILE A 481 19.02 -30.95 26.42
CA ILE A 481 18.79 -32.39 26.39
C ILE A 481 17.55 -32.72 25.57
N PHE A 482 16.46 -32.01 25.84
CA PHE A 482 15.27 -32.13 25.00
C PHE A 482 15.64 -32.00 23.52
N ALA A 483 16.41 -30.96 23.19
CA ALA A 483 16.81 -30.77 21.80
C ALA A 483 17.50 -32.03 21.25
N GLN A 484 18.46 -32.57 22.01
CA GLN A 484 19.20 -33.72 21.52
C GLN A 484 18.32 -34.94 21.34
N ARG A 485 17.33 -35.13 22.24
CA ARG A 485 16.32 -36.17 22.02
C ARG A 485 15.60 -35.97 20.70
N LEU A 486 15.19 -34.73 20.42
CA LEU A 486 14.43 -34.49 19.20
C LEU A 486 15.28 -34.73 17.96
N MET A 487 16.54 -34.26 17.96
CA MET A 487 17.37 -34.49 16.79
C MET A 487 17.66 -35.97 16.63
N ARG A 488 17.63 -36.73 17.73
CA ARG A 488 17.80 -38.18 17.62
C ARG A 488 16.59 -38.81 16.95
N TYR A 489 15.38 -38.44 17.39
CA TYR A 489 14.15 -38.96 16.80
C TYR A 489 14.13 -38.73 15.29
N TRP A 490 14.31 -37.46 14.88
CA TRP A 490 14.30 -37.11 13.46
C TRP A 490 15.36 -37.88 12.67
N ALA A 491 16.61 -37.86 13.14
CA ALA A 491 17.67 -38.54 12.39
C ALA A 491 17.46 -40.04 12.37
N ASN A 492 16.94 -40.61 13.47
CA ASN A 492 16.52 -42.01 13.44
C ASN A 492 15.53 -42.24 12.31
N PHE A 493 14.48 -41.42 12.25
CA PHE A 493 13.49 -41.55 11.19
C PHE A 493 14.13 -41.44 9.81
N ALA A 494 15.08 -40.53 9.65
CA ALA A 494 15.74 -40.38 8.36
C ALA A 494 16.52 -41.63 7.97
N ARG A 495 17.16 -42.27 8.96
CA ARG A 495 17.97 -43.45 8.67
C ARG A 495 17.14 -44.71 8.47
N THR A 496 16.02 -44.87 9.18
CA THR A 496 15.29 -46.13 9.20
C THR A 496 13.78 -46.04 9.02
N GLY A 497 13.23 -44.84 8.84
CA GLY A 497 11.78 -44.72 8.85
C GLY A 497 11.15 -45.08 10.18
N ASP A 498 11.91 -44.98 11.26
CA ASP A 498 11.43 -45.25 12.60
C ASP A 498 12.14 -44.31 13.56
N PRO A 499 11.41 -43.45 14.26
CA PRO A 499 12.07 -42.55 15.22
C PRO A 499 12.63 -43.27 16.44
N ASN A 500 12.19 -44.50 16.71
CA ASN A 500 12.57 -45.16 17.96
C ASN A 500 14.02 -45.57 17.97
N GLU A 501 14.66 -45.40 19.13
CA GLU A 501 16.06 -45.76 19.31
C GLU A 501 16.13 -47.22 19.74
N PRO A 502 16.71 -48.13 18.93
CA PRO A 502 16.58 -49.58 19.11
C PRO A 502 17.74 -50.23 19.90
N PRO A 508 10.55 -45.54 26.71
CA PRO A 508 9.19 -45.86 26.26
C PRO A 508 9.11 -45.72 24.74
N GLN A 509 8.21 -46.47 24.11
CA GLN A 509 8.25 -46.60 22.65
C GLN A 509 7.22 -45.70 21.99
N TRP A 510 7.60 -45.15 20.84
CA TRP A 510 6.75 -44.29 20.06
C TRP A 510 5.99 -45.17 19.06
N PRO A 511 4.67 -45.35 19.22
CA PRO A 511 3.93 -46.28 18.35
C PRO A 511 3.52 -45.61 17.05
N PRO A 512 3.30 -46.40 16.00
CA PRO A 512 2.70 -45.85 14.79
C PRO A 512 1.28 -45.40 15.04
N TYR A 513 0.90 -44.32 14.36
CA TYR A 513 -0.47 -43.83 14.31
C TYR A 513 -1.26 -44.68 13.32
N THR A 514 -2.44 -45.15 13.73
CA THR A 514 -3.37 -45.83 12.83
C THR A 514 -4.72 -45.13 12.87
N ALA A 515 -5.57 -45.47 11.88
CA ALA A 515 -6.87 -44.83 11.83
C ALA A 515 -7.74 -45.22 13.02
N GLY A 516 -7.55 -46.42 13.55
CA GLY A 516 -8.31 -46.88 14.70
C GLY A 516 -7.79 -46.40 16.05
N ALA A 517 -6.58 -46.84 16.41
CA ALA A 517 -6.04 -46.47 17.71
C ALA A 517 -5.69 -44.99 17.82
N GLN A 518 -5.34 -44.36 16.67
CA GLN A 518 -5.06 -42.92 16.57
C GLN A 518 -4.04 -42.44 17.61
N GLN A 519 -2.93 -43.19 17.72
CA GLN A 519 -1.98 -42.96 18.79
C GLN A 519 -0.90 -41.96 18.37
N TYR A 520 -0.54 -41.09 19.29
CA TYR A 520 0.51 -40.11 19.07
C TYR A 520 1.24 -39.92 20.40
N VAL A 521 2.41 -39.24 20.35
CA VAL A 521 3.20 -39.00 21.56
C VAL A 521 3.30 -37.49 21.81
N SER A 522 3.40 -37.14 23.09
CA SER A 522 3.71 -35.78 23.50
C SER A 522 5.23 -35.62 23.52
N LEU A 523 5.72 -34.57 22.91
CA LEU A 523 7.13 -34.21 22.98
C LEU A 523 7.26 -33.05 23.95
N ASP A 524 7.94 -33.28 25.08
CA ASP A 524 8.35 -32.19 25.98
C ASP A 524 9.45 -32.71 26.88
N LEU A 525 9.80 -31.92 27.90
CA LEU A 525 10.89 -32.28 28.78
C LEU A 525 10.65 -33.62 29.49
N ARG A 526 9.39 -34.03 29.61
CA ARG A 526 9.07 -35.30 30.23
C ARG A 526 9.32 -36.42 29.22
N PRO A 527 9.51 -37.64 29.69
CA PRO A 527 9.59 -38.77 28.76
C PRO A 527 8.38 -38.87 27.84
N LEU A 528 8.52 -39.64 26.76
CA LEU A 528 7.41 -39.85 25.84
C LEU A 528 6.21 -40.39 26.59
N GLU A 529 5.07 -39.76 26.35
CA GLU A 529 3.77 -40.25 26.77
C GLU A 529 2.89 -40.50 25.55
N VAL A 530 2.27 -41.67 25.48
CA VAL A 530 1.38 -42.01 24.37
C VAL A 530 -0.05 -41.56 24.66
N ARG A 531 -0.71 -41.00 23.64
CA ARG A 531 -2.10 -40.58 23.73
C ARG A 531 -2.86 -41.05 22.50
N ARG A 532 -4.17 -40.80 22.50
CA ARG A 532 -5.05 -41.21 21.41
C ARG A 532 -5.83 -40.03 20.87
N GLY A 533 -5.97 -39.96 19.54
CA GLY A 533 -6.82 -38.97 18.92
C GLY A 533 -6.30 -37.55 18.86
N LEU A 534 -5.87 -37.12 17.67
CA LEU A 534 -5.52 -35.73 17.44
C LEU A 534 -6.82 -34.94 17.37
N ARG A 535 -7.24 -34.39 18.52
N ARG A 535 -7.24 -34.36 18.51
CA ARG A 535 -8.48 -33.61 18.63
CA ARG A 535 -8.49 -33.58 18.59
C ARG A 535 -9.59 -34.28 17.82
C ARG A 535 -9.61 -34.27 17.81
N ALA A 536 -9.82 -35.56 18.15
CA ALA A 536 -10.70 -36.42 17.34
C ALA A 536 -12.13 -35.89 17.24
N GLN A 537 -12.66 -35.32 18.32
CA GLN A 537 -14.03 -34.78 18.29
C GLN A 537 -14.10 -33.58 17.35
N ALA A 538 -13.22 -32.60 17.57
CA ALA A 538 -13.23 -31.40 16.73
C ALA A 538 -12.96 -31.75 15.29
N CYS A 539 -12.12 -32.74 15.05
CA CYS A 539 -11.76 -32.98 13.66
C CYS A 539 -12.81 -33.77 12.92
N ALA A 540 -13.77 -34.38 13.62
CA ALA A 540 -14.92 -34.94 12.92
C ALA A 540 -15.73 -33.83 12.30
N PHE A 541 -15.82 -32.70 13.00
CA PHE A 541 -16.57 -31.56 12.50
C PHE A 541 -15.96 -31.02 11.21
N TRP A 542 -14.67 -30.71 11.23
CA TRP A 542 -14.04 -30.07 10.08
C TRP A 542 -13.84 -31.01 8.90
N ASN A 543 -13.56 -32.29 9.18
CA ASN A 543 -13.23 -33.28 8.17
C ASN A 543 -14.42 -34.11 7.71
N ARG A 544 -15.33 -34.47 8.61
CA ARG A 544 -16.49 -35.26 8.19
C ARG A 544 -17.69 -34.38 7.86
N PHE A 545 -18.15 -33.56 8.82
CA PHE A 545 -19.43 -32.88 8.65
C PHE A 545 -19.33 -31.63 7.75
N LEU A 546 -18.37 -30.74 7.98
CA LEU A 546 -18.36 -29.46 7.28
C LEU A 546 -18.27 -29.58 5.75
N PRO A 547 -17.54 -30.54 5.15
CA PRO A 547 -17.63 -30.69 3.70
C PRO A 547 -19.04 -30.96 3.20
N LYS A 548 -19.80 -31.84 3.90
CA LYS A 548 -21.17 -32.20 3.48
C LYS A 548 -22.09 -30.98 3.47
N LEU A 549 -21.92 -30.09 4.43
CA LEU A 549 -22.71 -28.87 4.50
C LEU A 549 -22.41 -27.95 3.32
N LEU A 550 -21.13 -27.74 3.02
CA LEU A 550 -20.73 -26.87 1.92
C LEU A 550 -21.20 -27.41 0.56
N SER A 551 -21.46 -28.72 0.46
CA SER A 551 -21.97 -29.34 -0.76
C SER A 551 -23.49 -29.24 -0.94
N ALA A 552 -24.21 -28.62 0.00
CA ALA A 552 -25.66 -28.42 -0.13
C ALA A 552 -26.07 -27.01 0.33
N GLU B 14 18.40 53.25 3.32
CA GLU B 14 17.91 51.88 3.55
C GLU B 14 16.75 51.92 4.54
N ASP B 15 15.52 51.64 4.09
CA ASP B 15 14.38 51.58 5.02
C ASP B 15 14.46 50.27 5.77
N ALA B 16 14.45 50.32 7.10
CA ALA B 16 14.62 49.10 7.90
C ALA B 16 13.31 48.33 7.96
N GLU B 17 12.24 48.94 7.46
CA GLU B 17 10.96 48.21 7.38
C GLU B 17 11.07 47.24 6.20
N LEU B 18 11.98 47.53 5.27
CA LEU B 18 12.20 46.66 4.09
C LEU B 18 13.43 45.80 4.32
N LEU B 19 13.94 45.77 5.55
CA LEU B 19 15.13 44.94 5.89
C LEU B 19 14.73 43.95 6.98
N VAL B 20 14.85 42.66 6.72
CA VAL B 20 14.43 41.59 7.61
C VAL B 20 15.51 40.52 7.60
N THR B 21 15.75 39.90 8.74
CA THR B 21 16.63 38.75 8.78
C THR B 21 15.82 37.53 9.23
N VAL B 22 15.98 36.43 8.49
CA VAL B 22 15.35 35.14 8.75
C VAL B 22 16.47 34.14 8.99
N ARG B 23 16.14 32.89 9.27
CA ARG B 23 17.20 31.97 9.69
C ARG B 23 18.22 31.70 8.60
N GLY B 24 17.86 31.89 7.33
CA GLY B 24 18.82 31.65 6.26
C GLY B 24 19.82 32.77 6.06
N GLY B 25 19.43 34.00 6.38
CA GLY B 25 20.21 35.17 6.00
C GLY B 25 19.35 36.41 6.05
N ARG B 26 19.75 37.42 5.28
CA ARG B 26 19.08 38.71 5.31
C ARG B 26 18.40 39.01 3.98
N LEU B 27 17.34 39.82 4.06
CA LEU B 27 16.46 40.07 2.92
C LEU B 27 16.17 41.55 2.78
N ARG B 28 16.17 42.00 1.52
CA ARG B 28 15.73 43.33 1.14
C ARG B 28 14.38 43.18 0.46
N GLY B 29 13.37 43.84 1.02
CA GLY B 29 12.07 43.90 0.40
C GLY B 29 11.90 45.15 -0.43
N ILE B 30 10.66 45.37 -0.82
CA ILE B 30 10.30 46.51 -1.62
C ILE B 30 9.02 47.06 -1.00
N ARG B 31 8.75 48.33 -1.24
CA ARG B 31 7.59 48.98 -0.66
C ARG B 31 6.62 49.35 -1.76
N LEU B 32 5.45 48.71 -1.77
CA LEU B 32 4.43 48.82 -2.80
C LEU B 32 3.33 49.82 -2.45
N LYS B 33 2.79 50.47 -3.48
CA LYS B 33 1.68 51.39 -3.30
C LYS B 33 0.35 50.67 -3.45
N THR B 34 -0.64 51.08 -2.66
CA THR B 34 -2.02 50.72 -2.91
C THR B 34 -2.83 52.00 -2.86
N PRO B 35 -4.02 52.02 -3.45
CA PRO B 35 -4.95 53.12 -3.20
C PRO B 35 -4.97 53.53 -1.74
N GLY B 36 -5.00 52.58 -0.82
CA GLY B 36 -5.21 52.89 0.57
C GLY B 36 -3.97 53.19 1.39
N GLY B 37 -2.79 53.10 0.80
CA GLY B 37 -1.58 53.27 1.56
C GLY B 37 -0.52 52.28 1.15
N PRO B 38 0.58 52.23 1.88
CA PRO B 38 1.70 51.39 1.45
C PRO B 38 1.77 50.06 2.18
N VAL B 39 2.59 49.17 1.61
CA VAL B 39 2.70 47.78 2.02
C VAL B 39 4.13 47.34 1.81
N SER B 40 4.72 46.68 2.80
CA SER B 40 6.00 46.03 2.62
C SER B 40 5.78 44.72 1.88
N ALA B 41 6.65 44.42 0.92
CA ALA B 41 6.56 43.16 0.19
C ALA B 41 7.94 42.53 0.11
N PHE B 42 7.99 41.21 0.28
CA PHE B 42 9.21 40.43 0.16
C PHE B 42 8.91 39.32 -0.85
N LEU B 43 9.14 39.60 -2.12
CA LEU B 43 8.80 38.71 -3.23
C LEU B 43 10.02 37.92 -3.69
N GLY B 44 9.90 36.59 -3.75
CA GLY B 44 10.97 35.77 -4.25
C GLY B 44 12.00 35.37 -3.20
N ILE B 45 11.54 34.91 -2.03
CA ILE B 45 12.42 34.46 -0.97
C ILE B 45 12.73 32.97 -1.19
N PRO B 46 13.99 32.60 -1.36
CA PRO B 46 14.33 31.17 -1.49
C PRO B 46 14.00 30.39 -0.23
N PHE B 47 13.16 29.36 -0.38
CA PHE B 47 12.87 28.46 0.73
C PHE B 47 13.35 27.04 0.48
N ALA B 48 13.88 26.75 -0.69
CA ALA B 48 14.36 25.42 -1.01
C ALA B 48 15.54 25.51 -1.95
N GLU B 49 16.39 24.49 -1.88
CA GLU B 49 17.43 24.33 -2.88
C GLU B 49 16.80 24.06 -4.24
N PRO B 50 17.31 24.63 -5.32
CA PRO B 50 16.70 24.46 -6.64
C PRO B 50 16.61 22.99 -7.04
N PRO B 51 15.40 22.46 -7.19
CA PRO B 51 15.21 21.03 -7.51
C PRO B 51 15.57 20.72 -8.97
N MET B 52 16.86 20.80 -9.26
CA MET B 52 17.38 20.70 -10.61
C MET B 52 18.33 19.54 -10.72
N GLY B 53 18.60 19.15 -11.97
CA GLY B 53 19.54 18.08 -12.27
C GLY B 53 19.19 16.82 -11.52
N PRO B 54 20.10 16.38 -10.64
CA PRO B 54 19.82 15.20 -9.80
C PRO B 54 18.65 15.37 -8.83
N ARG B 55 18.19 16.59 -8.56
CA ARG B 55 17.12 16.83 -7.60
C ARG B 55 15.74 16.92 -8.24
N ARG B 56 15.65 16.85 -9.57
CA ARG B 56 14.37 16.68 -10.20
C ARG B 56 13.67 15.43 -9.63
N PHE B 57 12.35 15.51 -9.42
CA PHE B 57 11.51 14.37 -8.97
C PHE B 57 11.75 14.00 -7.51
N LEU B 58 12.67 14.68 -6.84
CA LEU B 58 13.04 14.28 -5.46
C LEU B 58 12.41 15.24 -4.46
N PRO B 59 12.15 14.80 -3.22
CA PRO B 59 11.63 15.69 -2.20
C PRO B 59 12.46 16.96 -2.03
N PRO B 60 11.82 18.08 -1.65
CA PRO B 60 12.52 19.34 -1.50
C PRO B 60 13.55 19.38 -0.36
N GLU B 61 14.68 20.01 -0.60
CA GLU B 61 15.72 20.13 0.45
C GLU B 61 15.75 21.59 0.90
N PRO B 62 15.75 21.86 2.22
CA PRO B 62 15.76 23.23 2.72
C PRO B 62 16.89 24.10 2.17
N LYS B 63 16.63 25.40 1.98
CA LYS B 63 17.63 26.32 1.40
C LYS B 63 18.81 26.42 2.35
N GLN B 64 19.99 26.04 1.88
CA GLN B 64 21.20 26.17 2.71
C GLN B 64 21.40 27.66 3.01
N PRO B 65 21.74 28.03 4.26
CA PRO B 65 21.90 29.43 4.64
C PRO B 65 22.77 30.28 3.72
N TRP B 66 22.48 31.58 3.64
CA TRP B 66 23.21 32.45 2.67
C TRP B 66 23.93 33.61 3.36
N SER B 67 24.97 34.12 2.69
CA SER B 67 25.71 35.29 3.21
C SER B 67 25.34 36.49 2.34
N GLY B 68 25.26 37.66 2.93
CA GLY B 68 24.82 38.84 2.17
C GLY B 68 23.34 39.05 2.33
N VAL B 69 22.78 39.92 1.49
CA VAL B 69 21.33 40.21 1.57
C VAL B 69 20.65 39.69 0.30
N VAL B 70 19.71 38.74 0.43
CA VAL B 70 18.91 38.31 -0.75
C VAL B 70 18.01 39.49 -1.07
N ASP B 71 17.74 39.73 -2.33
CA ASP B 71 17.14 40.98 -2.72
C ASP B 71 15.78 40.41 -3.20
N ALA B 72 14.76 40.53 -2.37
CA ALA B 72 13.47 39.86 -2.59
C ALA B 72 12.45 40.89 -3.07
N THR B 73 12.59 41.30 -4.32
CA THR B 73 11.95 42.51 -4.77
C THR B 73 11.12 42.32 -6.03
N THR B 74 11.03 41.09 -6.52
CA THR B 74 10.19 40.74 -7.66
C THR B 74 9.87 39.25 -7.57
N PHE B 75 8.84 38.85 -8.30
CA PHE B 75 8.47 37.45 -8.33
C PHE B 75 9.56 36.66 -9.05
N GLN B 76 9.84 35.47 -8.54
CA GLN B 76 10.79 34.56 -9.17
C GLN B 76 10.09 33.77 -10.25
N SER B 77 10.75 32.76 -10.77
CA SER B 77 10.23 32.12 -11.98
C SER B 77 9.05 31.20 -11.69
N VAL B 78 8.23 30.98 -12.71
CA VAL B 78 7.11 30.02 -12.66
C VAL B 78 7.65 28.61 -12.89
N CYS B 79 7.23 27.65 -12.06
CA CYS B 79 7.69 26.27 -12.22
C CYS B 79 7.28 25.75 -13.58
N TYR B 80 8.03 24.82 -14.14
CA TYR B 80 7.70 24.37 -15.52
C TYR B 80 6.29 23.81 -15.59
N GLN B 81 5.54 24.18 -16.62
CA GLN B 81 4.15 23.80 -16.73
C GLN B 81 3.72 23.94 -18.17
N TYR B 82 2.69 23.20 -18.51
CA TYR B 82 1.99 23.42 -19.76
C TYR B 82 1.45 24.85 -19.82
N VAL B 83 1.42 25.42 -21.02
CA VAL B 83 0.83 26.73 -21.23
C VAL B 83 -0.43 26.57 -22.08
N ASP B 84 -1.54 27.03 -21.53
CA ASP B 84 -2.82 26.91 -22.21
C ASP B 84 -2.80 27.69 -23.50
N THR B 85 -3.14 27.03 -24.61
CA THR B 85 -3.19 27.67 -25.91
C THR B 85 -4.56 27.54 -26.54
N LEU B 86 -5.61 27.46 -25.73
CA LEU B 86 -6.94 27.16 -26.28
C LEU B 86 -7.51 28.35 -27.06
N TYR B 87 -7.42 29.55 -26.51
CA TYR B 87 -7.86 30.75 -27.21
C TYR B 87 -6.73 31.75 -27.14
N PRO B 88 -5.74 31.66 -28.04
CA PRO B 88 -4.53 32.46 -27.87
C PRO B 88 -4.86 33.95 -27.93
N GLY B 89 -4.32 34.71 -26.98
CA GLY B 89 -4.56 36.12 -26.88
C GLY B 89 -5.76 36.52 -26.05
N PHE B 90 -6.75 35.64 -25.93
CA PHE B 90 -7.97 35.91 -25.17
C PHE B 90 -7.65 36.17 -23.71
N GLU B 91 -8.17 37.28 -23.16
CA GLU B 91 -7.93 37.59 -21.75
C GLU B 91 -8.39 36.46 -20.82
N GLY B 92 -9.47 35.77 -21.19
CA GLY B 92 -10.02 34.75 -20.31
C GLY B 92 -9.06 33.61 -20.03
N THR B 93 -8.29 33.20 -21.03
CA THR B 93 -7.33 32.12 -20.81
C THR B 93 -5.94 32.62 -20.45
N GLU B 94 -5.56 33.80 -20.93
CA GLU B 94 -4.19 34.25 -20.71
C GLU B 94 -3.97 34.68 -19.27
N MET B 95 -5.02 35.11 -18.57
CA MET B 95 -4.86 35.61 -17.21
C MET B 95 -4.34 34.56 -16.25
N TRP B 96 -4.39 33.27 -16.62
CA TRP B 96 -3.91 32.18 -15.80
C TRP B 96 -2.58 31.61 -16.27
N ASN B 97 -2.12 32.00 -17.46
CA ASN B 97 -0.87 31.54 -18.03
C ASN B 97 0.30 32.24 -17.35
N PRO B 98 1.50 31.66 -17.41
CA PRO B 98 2.62 32.21 -16.63
C PRO B 98 2.98 33.62 -17.08
N ASN B 99 3.32 34.44 -16.09
CA ASN B 99 3.65 35.87 -16.31
C ASN B 99 5.13 36.08 -16.01
N ARG B 100 5.83 35.02 -15.61
CA ARG B 100 7.29 35.09 -15.39
C ARG B 100 7.89 33.95 -16.20
N GLU B 101 9.20 33.80 -16.18
CA GLU B 101 9.85 32.76 -17.04
C GLU B 101 9.62 31.37 -16.47
N LEU B 102 9.60 30.36 -17.33
CA LEU B 102 9.46 28.97 -16.86
C LEU B 102 10.85 28.47 -16.49
N SER B 103 11.00 27.92 -15.29
CA SER B 103 12.31 27.39 -14.85
C SER B 103 12.10 26.32 -13.78
N GLU B 104 12.96 25.30 -13.76
CA GLU B 104 12.89 24.36 -12.65
C GLU B 104 13.39 24.96 -11.35
N ASP B 105 14.14 26.07 -11.41
CA ASP B 105 14.55 26.84 -10.24
C ASP B 105 13.40 27.79 -9.91
N CYS B 106 12.49 27.34 -9.01
CA CYS B 106 11.24 28.06 -8.82
C CYS B 106 10.68 27.98 -7.41
N LEU B 107 11.42 27.46 -6.43
CA LEU B 107 10.90 27.24 -5.10
C LEU B 107 11.15 28.47 -4.23
N TYR B 108 10.35 29.51 -4.48
CA TYR B 108 10.43 30.79 -3.80
C TYR B 108 9.06 31.12 -3.23
N LEU B 109 9.04 31.89 -2.14
CA LEU B 109 7.78 32.31 -1.53
C LEU B 109 7.77 33.80 -1.28
N ASN B 110 6.57 34.35 -1.11
CA ASN B 110 6.34 35.78 -0.98
C ASN B 110 5.71 36.10 0.36
N VAL B 111 6.13 37.21 0.96
CA VAL B 111 5.50 37.70 2.18
C VAL B 111 5.06 39.13 1.93
N TRP B 112 3.77 39.41 2.11
CA TRP B 112 3.27 40.77 2.22
C TRP B 112 2.94 41.04 3.68
N THR B 113 3.24 42.26 4.13
CA THR B 113 3.05 42.66 5.51
C THR B 113 2.78 44.16 5.54
N PRO B 114 2.09 44.67 6.57
CA PRO B 114 1.78 46.09 6.62
C PRO B 114 3.03 46.96 6.66
N TYR B 115 2.85 48.20 6.19
CA TYR B 115 3.93 49.20 6.27
C TYR B 115 3.46 50.27 7.28
N PRO B 116 4.05 50.49 8.50
CA PRO B 116 5.26 49.77 8.92
C PRO B 116 4.92 48.39 9.45
N ARG B 117 5.93 47.53 9.60
CA ARG B 117 5.66 46.17 10.04
C ARG B 117 4.99 46.20 11.40
N PRO B 118 4.11 45.24 11.69
CA PRO B 118 3.35 45.29 12.94
C PRO B 118 4.25 45.06 14.13
N THR B 119 3.85 45.65 15.26
CA THR B 119 4.56 45.42 16.51
C THR B 119 3.97 44.23 17.26
N SER B 120 2.66 44.22 17.40
CA SER B 120 1.92 43.09 17.95
C SER B 120 1.82 41.96 16.92
N PRO B 121 1.99 40.71 17.34
CA PRO B 121 1.93 39.57 16.39
C PRO B 121 0.60 39.49 15.64
N THR B 122 0.68 39.33 14.32
CA THR B 122 -0.45 39.50 13.43
C THR B 122 -0.83 38.20 12.74
N PRO B 123 -2.14 37.90 12.61
CA PRO B 123 -2.57 36.66 11.96
C PRO B 123 -2.11 36.57 10.50
N VAL B 124 -1.77 35.34 10.10
CA VAL B 124 -1.13 35.04 8.82
C VAL B 124 -2.08 34.25 7.94
N LEU B 125 -2.29 34.73 6.71
CA LEU B 125 -2.98 33.99 5.66
C LEU B 125 -1.96 33.43 4.68
N VAL B 126 -2.02 32.11 4.42
CA VAL B 126 -1.13 31.44 3.47
C VAL B 126 -1.95 30.97 2.28
N TRP B 127 -1.54 31.34 1.07
CA TRP B 127 -2.31 31.10 -0.15
C TRP B 127 -1.66 29.99 -0.99
N ILE B 128 -2.46 29.01 -1.40
CA ILE B 128 -1.96 27.94 -2.26
C ILE B 128 -2.75 27.99 -3.55
N TYR B 129 -2.10 28.30 -4.65
CA TYR B 129 -2.83 28.53 -5.89
C TYR B 129 -3.33 27.24 -6.49
N GLY B 130 -4.33 27.36 -7.36
CA GLY B 130 -4.85 26.25 -8.10
C GLY B 130 -4.25 26.18 -9.49
N GLY B 131 -4.95 25.48 -10.38
CA GLY B 131 -4.35 25.14 -11.65
C GLY B 131 -4.23 23.64 -11.82
N GLY B 132 -5.19 22.88 -11.28
CA GLY B 132 -5.27 21.46 -11.54
C GLY B 132 -4.03 20.61 -11.26
N PHE B 133 -3.12 21.08 -10.41
CA PHE B 133 -1.86 20.41 -10.10
C PHE B 133 -0.93 20.32 -11.31
N TYR B 134 -1.25 20.96 -12.42
CA TYR B 134 -0.35 20.98 -13.57
C TYR B 134 0.17 22.35 -13.94
N SER B 135 -0.28 23.42 -13.27
CA SER B 135 -0.03 24.78 -13.71
C SER B 135 -0.26 25.70 -12.52
N GLY B 136 0.09 26.98 -12.71
CA GLY B 136 -0.12 27.99 -11.69
C GLY B 136 1.15 28.66 -11.23
N ALA B 137 1.00 29.83 -10.58
CA ALA B 137 2.13 30.58 -10.07
C ALA B 137 1.63 31.58 -9.01
N SER B 138 2.45 31.81 -7.99
CA SER B 138 2.11 32.81 -6.99
C SER B 138 2.14 34.22 -7.56
N SER B 139 2.78 34.42 -8.71
CA SER B 139 3.06 35.72 -9.30
C SER B 139 1.95 36.23 -10.20
N LEU B 140 0.91 35.43 -10.43
CA LEU B 140 -0.23 35.90 -11.22
C LEU B 140 -0.82 37.17 -10.62
N ASP B 141 -1.43 37.99 -11.50
CA ASP B 141 -1.96 39.28 -11.08
C ASP B 141 -3.15 39.13 -10.12
N VAL B 142 -4.02 38.14 -10.35
CA VAL B 142 -5.19 37.97 -9.50
C VAL B 142 -4.88 37.43 -8.12
N TYR B 143 -3.63 37.01 -7.84
CA TYR B 143 -3.24 36.65 -6.48
C TYR B 143 -2.39 37.74 -5.83
N ASP B 144 -2.54 38.99 -6.25
CA ASP B 144 -1.74 40.07 -5.72
C ASP B 144 -2.12 40.37 -4.28
N GLY B 145 -1.19 40.16 -3.37
CA GLY B 145 -1.52 40.24 -1.96
C GLY B 145 -1.65 41.64 -1.39
N ARG B 146 -1.35 42.67 -2.18
CA ARG B 146 -1.18 44.00 -1.60
C ARG B 146 -2.50 44.55 -1.06
N PHE B 147 -3.63 44.16 -1.64
CA PHE B 147 -4.88 44.76 -1.21
C PHE B 147 -5.41 44.15 0.08
N LEU B 148 -5.43 42.81 0.18
CA LEU B 148 -5.78 42.17 1.46
C LEU B 148 -4.97 42.73 2.60
N VAL B 149 -3.65 42.82 2.42
CA VAL B 149 -2.78 43.21 3.52
C VAL B 149 -3.06 44.65 3.93
N GLN B 150 -3.18 45.55 2.96
CA GLN B 150 -3.49 46.94 3.27
C GLN B 150 -4.84 47.09 3.96
N ALA B 151 -5.88 46.43 3.41
CA ALA B 151 -7.26 46.63 3.86
C ALA B 151 -7.56 45.98 5.20
N GLU B 152 -6.93 44.84 5.48
CA GLU B 152 -7.31 44.06 6.66
C GLU B 152 -6.17 43.81 7.62
N ARG B 153 -4.98 44.41 7.42
CA ARG B 153 -3.89 44.29 8.41
C ARG B 153 -3.54 42.86 8.77
N THR B 154 -3.36 42.00 7.78
CA THR B 154 -2.85 40.66 8.01
C THR B 154 -1.51 40.52 7.33
N VAL B 155 -0.78 39.48 7.69
CA VAL B 155 0.36 39.04 6.90
C VAL B 155 -0.15 38.04 5.88
N LEU B 156 0.27 38.19 4.64
CA LEU B 156 -0.10 37.26 3.59
C LEU B 156 1.15 36.56 3.06
N VAL B 157 1.10 35.24 2.98
CA VAL B 157 2.18 34.44 2.41
C VAL B 157 1.60 33.63 1.26
N SER B 158 2.36 33.51 0.18
CA SER B 158 2.04 32.58 -0.87
C SER B 158 3.35 31.93 -1.28
N MET B 159 3.29 30.71 -1.80
CA MET B 159 4.52 30.07 -2.25
C MET B 159 4.30 29.45 -3.62
N ASN B 160 5.40 29.23 -4.33
CA ASN B 160 5.36 28.37 -5.51
C ASN B 160 5.63 26.93 -5.10
N TYR B 161 4.97 25.99 -5.78
CA TYR B 161 5.22 24.57 -5.59
C TYR B 161 5.29 23.91 -6.96
N ARG B 162 6.08 22.85 -7.06
CA ARG B 162 6.30 22.20 -8.34
C ARG B 162 5.00 21.59 -8.82
N VAL B 163 4.76 21.64 -10.13
CA VAL B 163 3.55 21.10 -10.69
C VAL B 163 3.93 20.15 -11.82
N GLY B 164 2.90 19.58 -12.47
CA GLY B 164 3.09 18.62 -13.53
C GLY B 164 3.92 17.43 -13.09
N ALA B 165 4.69 16.90 -14.03
CA ALA B 165 5.54 15.75 -13.72
C ALA B 165 6.53 16.11 -12.64
N PHE B 166 7.05 17.34 -12.69
CA PHE B 166 8.12 17.75 -11.79
C PHE B 166 7.69 17.77 -10.35
N GLY B 167 6.38 17.80 -10.09
CA GLY B 167 5.88 17.87 -8.73
C GLY B 167 5.15 16.62 -8.30
N PHE B 168 4.61 15.86 -9.26
CA PHE B 168 3.68 14.81 -8.91
C PHE B 168 3.82 13.52 -9.68
N LEU B 169 4.84 13.40 -10.55
CA LEU B 169 5.15 12.12 -11.16
C LEU B 169 5.55 11.18 -10.06
N ALA B 170 4.88 10.04 -9.97
CA ALA B 170 5.22 9.05 -8.97
C ALA B 170 5.51 7.72 -9.65
N LEU B 171 6.56 7.07 -9.17
CA LEU B 171 6.73 5.63 -9.34
C LEU B 171 6.65 5.08 -7.92
N PRO B 172 5.46 4.75 -7.42
CA PRO B 172 5.29 4.60 -5.98
C PRO B 172 6.18 3.50 -5.44
N GLY B 173 6.79 3.76 -4.28
CA GLY B 173 7.74 2.88 -3.65
C GLY B 173 9.19 3.23 -3.93
N SER B 174 9.47 3.76 -5.11
CA SER B 174 10.83 4.09 -5.51
C SER B 174 11.39 5.25 -4.68
N ARG B 175 12.71 5.28 -4.57
CA ARG B 175 13.36 6.39 -3.88
C ARG B 175 13.71 7.53 -4.82
N GLU B 176 13.83 7.24 -6.11
CA GLU B 176 14.16 8.26 -7.10
C GLU B 176 12.97 9.12 -7.52
N ALA B 177 11.71 8.66 -7.35
CA ALA B 177 10.53 9.43 -7.74
C ALA B 177 9.33 9.06 -6.86
N PRO B 178 9.37 9.44 -5.58
CA PRO B 178 8.34 8.99 -4.64
C PRO B 178 6.96 9.63 -4.84
N GLY B 179 6.87 10.72 -5.59
CA GLY B 179 5.61 11.40 -5.76
C GLY B 179 5.28 12.31 -4.59
N ASN B 180 4.26 13.14 -4.82
CA ASN B 180 3.77 14.11 -3.86
C ASN B 180 4.83 15.14 -3.49
N VAL B 181 5.87 15.31 -4.33
CA VAL B 181 6.92 16.24 -3.92
C VAL B 181 6.40 17.67 -3.98
N GLY B 182 5.48 17.96 -4.91
CA GLY B 182 4.82 19.26 -4.92
C GLY B 182 4.12 19.58 -3.61
N LEU B 183 3.47 18.59 -3.00
CA LEU B 183 2.89 18.83 -1.69
C LEU B 183 3.97 19.05 -0.64
N LEU B 184 5.13 18.39 -0.79
CA LEU B 184 6.21 18.59 0.17
C LEU B 184 6.84 19.97 0.01
N ASP B 185 6.89 20.49 -1.23
CA ASP B 185 7.22 21.90 -1.44
C ASP B 185 6.33 22.78 -0.57
N GLN B 186 5.02 22.55 -0.64
CA GLN B 186 4.07 23.31 0.16
C GLN B 186 4.33 23.12 1.64
N ARG B 187 4.52 21.87 2.08
CA ARG B 187 4.78 21.63 3.48
C ARG B 187 6.00 22.42 3.94
N LEU B 188 7.05 22.44 3.11
CA LEU B 188 8.29 23.12 3.46
C LEU B 188 8.06 24.63 3.61
N ALA B 189 7.26 25.22 2.72
CA ALA B 189 6.89 26.61 2.89
C ALA B 189 6.20 26.84 4.23
N LEU B 190 5.33 25.92 4.63
CA LEU B 190 4.61 26.13 5.88
C LEU B 190 5.52 25.97 7.10
N GLN B 191 6.54 25.10 7.03
CA GLN B 191 7.59 25.10 8.05
C GLN B 191 8.35 26.43 8.05
N TRP B 192 8.75 26.90 6.87
CA TRP B 192 9.33 28.23 6.76
C TRP B 192 8.47 29.28 7.45
N VAL B 193 7.16 29.26 7.19
CA VAL B 193 6.25 30.21 7.84
C VAL B 193 6.31 30.08 9.37
N GLN B 194 6.54 28.87 9.89
CA GLN B 194 6.55 28.68 11.35
C GLN B 194 7.83 29.25 11.96
N GLU B 195 8.98 29.00 11.35
CA GLU B 195 10.24 29.49 11.89
C GLU B 195 10.49 30.97 11.60
N ASN B 196 9.82 31.57 10.61
CA ASN B 196 10.28 32.87 10.12
C ASN B 196 9.22 33.95 10.04
N VAL B 197 7.92 33.64 10.09
CA VAL B 197 6.94 34.69 9.82
C VAL B 197 6.98 35.73 10.93
N ALA B 198 7.45 35.34 12.12
CA ALA B 198 7.51 36.29 13.23
C ALA B 198 8.37 37.51 12.88
N ALA B 199 9.48 37.28 12.15
CA ALA B 199 10.36 38.38 11.75
C ALA B 199 9.63 39.45 10.94
N PHE B 200 8.60 39.06 10.20
CA PHE B 200 7.76 40.00 9.49
C PHE B 200 6.58 40.48 10.35
N GLY B 201 6.63 40.22 11.66
CA GLY B 201 5.56 40.61 12.55
C GLY B 201 4.37 39.68 12.55
N GLY B 202 4.42 38.61 11.78
CA GLY B 202 3.35 37.67 11.80
C GLY B 202 3.37 36.76 13.02
N ASP B 203 2.24 36.12 13.23
CA ASP B 203 2.03 35.27 14.40
C ASP B 203 2.00 33.80 13.98
N PRO B 204 3.02 33.02 14.32
CA PRO B 204 3.06 31.61 13.86
C PRO B 204 2.04 30.71 14.53
N THR B 205 1.26 31.24 15.47
CA THR B 205 0.23 30.47 16.14
C THR B 205 -1.18 30.85 15.69
N SER B 206 -1.32 31.65 14.60
CA SER B 206 -2.60 32.01 13.99
C SER B 206 -2.43 32.00 12.46
N VAL B 207 -2.29 30.81 11.88
CA VAL B 207 -2.03 30.64 10.46
C VAL B 207 -3.25 29.99 9.80
N THR B 208 -3.71 30.59 8.70
CA THR B 208 -4.92 30.17 7.99
C THR B 208 -4.53 29.84 6.54
N LEU B 209 -4.65 28.58 6.14
CA LEU B 209 -4.40 28.21 4.76
C LEU B 209 -5.63 28.51 3.93
N PHE B 210 -5.43 28.99 2.70
CA PHE B 210 -6.62 29.12 1.86
C PHE B 210 -6.13 28.92 0.44
N GLY B 211 -7.02 28.40 -0.40
CA GLY B 211 -6.63 28.10 -1.75
C GLY B 211 -7.86 27.77 -2.55
N GLU B 212 -7.65 27.51 -3.83
CA GLU B 212 -8.76 27.40 -4.75
C GLU B 212 -8.44 26.30 -5.75
N SER B 213 -9.48 25.60 -6.22
CA SER B 213 -9.32 24.48 -7.16
C SER B 213 -8.27 23.53 -6.60
N ALA B 214 -7.21 23.24 -7.36
CA ALA B 214 -6.18 22.36 -6.83
C ALA B 214 -5.55 22.95 -5.56
N GLY B 215 -5.66 24.26 -5.37
CA GLY B 215 -5.19 24.84 -4.13
C GLY B 215 -6.04 24.41 -2.94
N ALA B 216 -7.35 24.34 -3.13
CA ALA B 216 -8.23 23.88 -2.06
C ALA B 216 -8.03 22.39 -1.79
N ALA B 217 -7.95 21.58 -2.85
CA ALA B 217 -7.58 20.18 -2.69
C ALA B 217 -6.28 20.03 -1.89
N SER B 218 -5.29 20.89 -2.15
CA SER B 218 -4.05 20.85 -1.40
C SER B 218 -4.26 21.22 0.06
N VAL B 219 -5.08 22.25 0.32
CA VAL B 219 -5.39 22.59 1.69
C VAL B 219 -5.98 21.39 2.42
N GLY B 220 -6.96 20.73 1.77
CA GLY B 220 -7.59 19.58 2.38
C GLY B 220 -6.62 18.44 2.65
N MET B 221 -5.66 18.23 1.74
CA MET B 221 -4.68 17.18 1.99
C MET B 221 -3.79 17.51 3.19
N HIS B 222 -3.52 18.79 3.45
CA HIS B 222 -2.76 19.14 4.65
C HIS B 222 -3.59 18.91 5.93
N LEU B 223 -4.92 19.09 5.88
CA LEU B 223 -5.77 18.70 7.01
C LEU B 223 -5.60 17.23 7.34
N LEU B 224 -5.54 16.39 6.34
CA LEU B 224 -5.59 14.95 6.50
C LEU B 224 -4.23 14.32 6.65
N SER B 225 -3.16 15.11 6.63
CA SER B 225 -1.79 14.63 6.76
C SER B 225 -1.20 15.16 8.05
N PRO B 226 -0.98 14.32 9.06
CA PRO B 226 -0.63 14.81 10.40
C PRO B 226 0.61 15.71 10.42
N PRO B 227 1.67 15.40 9.65
CA PRO B 227 2.84 16.31 9.67
C PRO B 227 2.52 17.73 9.24
N SER B 228 1.58 17.94 8.31
CA SER B 228 1.17 19.29 7.95
C SER B 228 0.26 19.92 9.00
N ARG B 229 -0.47 19.08 9.77
CA ARG B 229 -1.57 19.57 10.58
C ARG B 229 -1.08 20.50 11.70
N GLY B 230 0.18 20.36 12.12
CA GLY B 230 0.70 21.26 13.14
C GLY B 230 1.14 22.63 12.64
N LEU B 231 1.04 22.87 11.33
CA LEU B 231 1.62 24.05 10.72
C LEU B 231 0.58 25.15 10.50
N PHE B 232 -0.68 24.91 10.86
CA PHE B 232 -1.76 25.88 10.64
C PHE B 232 -2.93 25.55 11.56
N HIS B 233 -3.95 26.42 11.55
CA HIS B 233 -4.98 26.40 12.59
C HIS B 233 -6.40 26.44 12.05
N ARG B 234 -6.55 27.05 10.89
CA ARG B 234 -7.82 27.25 10.20
C ARG B 234 -7.60 26.94 8.72
N ALA B 235 -8.70 26.85 7.97
CA ALA B 235 -8.60 26.50 6.56
C ALA B 235 -9.75 27.12 5.79
N VAL B 236 -9.48 27.40 4.50
CA VAL B 236 -10.48 27.91 3.57
C VAL B 236 -10.31 27.15 2.26
N LEU B 237 -11.36 26.44 1.84
CA LEU B 237 -11.31 25.64 0.61
C LEU B 237 -12.31 26.25 -0.35
N GLN B 238 -11.83 26.82 -1.42
CA GLN B 238 -12.68 27.49 -2.39
C GLN B 238 -12.74 26.62 -3.65
N SER B 239 -13.92 26.07 -3.94
CA SER B 239 -14.16 25.40 -5.21
C SER B 239 -13.22 24.21 -5.39
N GLY B 240 -12.98 23.46 -4.32
CA GLY B 240 -12.12 22.30 -4.42
C GLY B 240 -12.04 21.55 -3.09
N ALA B 241 -11.69 20.27 -3.19
CA ALA B 241 -11.65 19.38 -2.04
C ALA B 241 -10.79 18.17 -2.37
N PRO B 242 -10.10 17.59 -1.39
CA PRO B 242 -9.20 16.45 -1.67
C PRO B 242 -9.90 15.15 -2.07
N ASN B 243 -11.13 14.94 -1.64
CA ASN B 243 -11.96 13.84 -2.12
C ASN B 243 -12.53 13.99 -3.53
N GLY B 244 -12.23 15.05 -4.26
CA GLY B 244 -12.65 15.14 -5.64
C GLY B 244 -12.07 14.06 -6.54
N PRO B 245 -12.85 13.59 -7.52
CA PRO B 245 -12.37 12.49 -8.41
C PRO B 245 -11.12 12.79 -9.23
N TRP B 246 -10.63 14.03 -9.25
CA TRP B 246 -9.46 14.39 -10.03
C TRP B 246 -8.24 14.67 -9.16
N ALA B 247 -8.44 14.86 -7.85
CA ALA B 247 -7.39 15.39 -6.97
C ALA B 247 -6.38 14.34 -6.53
N THR B 248 -6.72 13.07 -6.65
CA THR B 248 -5.80 12.01 -6.29
C THR B 248 -5.88 10.92 -7.33
N VAL B 249 -4.91 10.02 -7.25
CA VAL B 249 -4.80 8.88 -8.14
C VAL B 249 -4.21 7.75 -7.31
N GLY B 250 -4.59 6.51 -7.64
CA GLY B 250 -4.04 5.38 -6.92
C GLY B 250 -2.63 5.05 -7.37
N MET B 251 -1.92 4.28 -6.53
CA MET B 251 -0.52 3.99 -6.83
C MET B 251 -0.36 3.34 -8.19
N GLY B 252 -1.28 2.44 -8.53
CA GLY B 252 -1.13 1.73 -9.79
C GLY B 252 -1.30 2.65 -10.98
N GLU B 253 -2.35 3.48 -10.97
CA GLU B 253 -2.57 4.37 -12.10
C GLU B 253 -1.48 5.43 -12.19
N ALA B 254 -0.90 5.83 -11.05
CA ALA B 254 0.24 6.73 -11.07
C ALA B 254 1.42 6.10 -11.81
N ARG B 255 1.77 4.88 -11.45
CA ARG B 255 2.89 4.20 -12.09
C ARG B 255 2.65 4.02 -13.59
N ARG B 256 1.43 3.70 -13.99
CA ARG B 256 1.15 3.54 -15.42
C ARG B 256 1.40 4.83 -16.16
N ARG B 257 0.92 5.95 -15.61
CA ARG B 257 1.05 7.24 -16.26
C ARG B 257 2.52 7.67 -16.35
N ALA B 258 3.28 7.45 -15.27
CA ALA B 258 4.72 7.72 -15.32
C ALA B 258 5.39 6.86 -16.38
N THR B 259 5.05 5.58 -16.44
CA THR B 259 5.72 4.66 -17.35
C THR B 259 5.39 4.99 -18.81
N GLN B 260 4.15 5.42 -19.09
CA GLN B 260 3.84 5.84 -20.46
C GLN B 260 4.54 7.15 -20.80
N LEU B 261 4.60 8.10 -19.87
CA LEU B 261 5.35 9.33 -20.13
C LEU B 261 6.77 8.99 -20.55
N ALA B 262 7.41 8.07 -19.81
CA ALA B 262 8.77 7.65 -20.14
C ALA B 262 8.84 7.08 -21.55
N HIS B 263 8.02 6.06 -21.86
CA HIS B 263 8.07 5.48 -23.19
C HIS B 263 7.86 6.54 -24.26
N LEU B 264 7.01 7.54 -23.97
CA LEU B 264 6.72 8.57 -24.95
C LEU B 264 7.93 9.46 -25.24
N VAL B 265 8.82 9.67 -24.27
CA VAL B 265 9.98 10.55 -24.44
C VAL B 265 11.27 9.79 -24.65
N GLY B 266 11.19 8.49 -24.94
CA GLY B 266 12.35 7.70 -25.25
C GLY B 266 12.98 6.94 -24.10
N CYS B 267 12.36 6.88 -22.96
CA CYS B 267 13.03 6.17 -21.88
C CYS B 267 12.53 4.72 -21.77
N PRO B 268 13.41 3.77 -21.39
CA PRO B 268 12.98 2.40 -21.06
C PRO B 268 11.91 2.35 -19.96
N ASN B 275 13.28 -1.58 -13.97
CA ASN B 275 14.18 -0.88 -13.03
C ASN B 275 13.82 0.60 -12.88
N ASP B 276 13.43 0.99 -11.66
CA ASP B 276 12.95 2.35 -11.44
C ASP B 276 14.10 3.35 -11.45
N THR B 277 15.24 2.98 -10.86
CA THR B 277 16.38 3.87 -10.84
C THR B 277 16.86 4.23 -12.25
N GLU B 278 16.95 3.24 -13.13
CA GLU B 278 17.34 3.52 -14.51
C GLU B 278 16.31 4.39 -15.21
N LEU B 279 15.02 4.14 -14.95
CA LEU B 279 13.97 4.89 -15.62
C LEU B 279 14.01 6.35 -15.21
N VAL B 280 14.05 6.63 -13.90
CA VAL B 280 14.09 8.01 -13.44
C VAL B 280 15.32 8.71 -13.97
N ALA B 281 16.48 8.06 -13.90
CA ALA B 281 17.71 8.69 -14.34
C ALA B 281 17.64 9.07 -15.82
N CYS B 282 16.98 8.26 -16.64
CA CYS B 282 16.81 8.66 -18.03
C CYS B 282 15.88 9.86 -18.15
N LEU B 283 14.74 9.85 -17.44
CA LEU B 283 13.84 11.00 -17.43
C LEU B 283 14.59 12.26 -17.05
N ARG B 284 15.48 12.16 -16.06
CA ARG B 284 16.22 13.30 -15.54
C ARG B 284 17.11 13.98 -16.59
N THR B 285 17.42 13.32 -17.70
CA THR B 285 18.19 13.91 -18.78
C THR B 285 17.32 14.62 -19.82
N ARG B 286 16.01 14.62 -19.63
CA ARG B 286 15.21 15.21 -20.69
C ARG B 286 14.98 16.69 -20.42
N PRO B 287 15.05 17.52 -21.44
CA PRO B 287 14.68 18.93 -21.27
C PRO B 287 13.30 19.01 -20.66
N ALA B 288 13.18 19.82 -19.60
CA ALA B 288 11.89 20.07 -18.96
C ALA B 288 10.76 20.21 -19.99
N GLN B 289 11.01 20.95 -21.07
CA GLN B 289 9.97 21.15 -22.06
C GLN B 289 9.56 19.86 -22.75
N VAL B 290 10.46 18.89 -22.86
CA VAL B 290 10.08 17.64 -23.53
C VAL B 290 9.06 16.87 -22.69
N LEU B 291 9.25 16.83 -21.37
CA LEU B 291 8.24 16.23 -20.51
C LEU B 291 6.90 16.92 -20.69
N VAL B 292 6.86 18.24 -20.50
CA VAL B 292 5.59 18.97 -20.58
C VAL B 292 4.87 18.69 -21.89
N ASN B 293 5.62 18.52 -22.99
CA ASN B 293 5.01 18.37 -24.30
C ASN B 293 4.23 17.08 -24.45
N HIS B 294 4.48 16.10 -23.59
CA HIS B 294 3.77 14.82 -23.65
C HIS B 294 2.82 14.61 -22.48
N GLU B 295 2.62 15.64 -21.64
CA GLU B 295 1.81 15.48 -20.43
C GLU B 295 0.40 14.97 -20.74
N TRP B 296 -0.31 15.62 -21.66
CA TRP B 296 -1.74 15.29 -21.75
C TRP B 296 -1.98 13.94 -22.41
N HIS B 297 -0.95 13.30 -22.95
CA HIS B 297 -1.13 12.06 -23.69
C HIS B 297 -1.19 10.83 -22.80
N VAL B 298 -0.80 10.92 -21.52
CA VAL B 298 -0.85 9.77 -20.63
C VAL B 298 -2.21 9.59 -19.94
N LEU B 299 -3.14 10.51 -20.11
CA LEU B 299 -4.48 10.28 -19.57
C LEU B 299 -5.12 9.08 -20.25
N PRO B 300 -5.82 8.24 -19.49
CA PRO B 300 -6.41 7.02 -20.09
C PRO B 300 -7.67 7.22 -20.91
N GLN B 301 -8.50 8.23 -20.65
CA GLN B 301 -9.60 8.54 -21.59
C GLN B 301 -9.66 9.99 -21.98
N GLU B 302 -10.36 10.20 -23.08
CA GLU B 302 -10.86 11.50 -23.44
C GLU B 302 -11.72 12.03 -22.29
N SER B 303 -11.43 13.26 -21.86
CA SER B 303 -11.96 13.74 -20.61
C SER B 303 -11.89 15.26 -20.56
N VAL B 304 -12.54 15.83 -19.55
CA VAL B 304 -12.26 17.20 -19.12
C VAL B 304 -12.14 17.18 -17.62
N PHE B 305 -11.41 18.10 -17.01
CA PHE B 305 -11.26 18.19 -15.53
C PHE B 305 -10.51 16.97 -14.98
N ARG B 306 -9.61 16.40 -15.76
CA ARG B 306 -8.73 15.34 -15.31
C ARG B 306 -7.31 15.72 -15.68
N PHE B 307 -6.36 15.49 -14.77
CA PHE B 307 -4.99 15.95 -14.97
C PHE B 307 -3.99 14.84 -14.68
N SER B 308 -2.91 14.80 -15.47
CA SER B 308 -2.07 13.61 -15.55
C SER B 308 -1.39 13.30 -14.23
N PHE B 309 -0.66 14.25 -13.66
CA PHE B 309 0.14 13.98 -12.47
C PHE B 309 -0.42 14.76 -11.29
N VAL B 310 -1.06 14.04 -10.37
CA VAL B 310 -1.76 14.63 -9.23
C VAL B 310 -1.33 13.86 -7.98
N PRO B 311 -1.65 14.33 -6.76
CA PRO B 311 -1.22 13.62 -5.57
C PRO B 311 -1.59 12.14 -5.61
N VAL B 312 -0.73 11.31 -5.03
CA VAL B 312 -0.89 9.88 -5.09
C VAL B 312 -1.14 9.37 -3.68
N VAL B 313 -2.05 8.39 -3.56
CA VAL B 313 -2.36 7.80 -2.27
C VAL B 313 -1.43 6.60 -2.09
N ASP B 314 -0.40 6.77 -1.27
CA ASP B 314 0.67 5.80 -1.12
C ASP B 314 0.98 5.47 0.34
N GLY B 315 0.15 5.88 1.28
CA GLY B 315 0.37 5.55 2.67
C GLY B 315 1.34 6.44 3.38
N ASP B 316 2.04 7.31 2.66
CA ASP B 316 2.97 8.28 3.26
C ASP B 316 2.29 9.62 3.53
N PHE B 317 2.25 10.50 2.53
CA PHE B 317 1.62 11.81 2.75
C PHE B 317 0.15 11.65 3.11
N LEU B 318 -0.56 10.82 2.35
CA LEU B 318 -1.94 10.43 2.64
C LEU B 318 -1.91 8.97 3.03
N SER B 319 -2.25 8.67 4.30
CA SER B 319 -2.21 7.30 4.78
C SER B 319 -3.37 6.46 4.25
N ASP B 320 -4.45 7.09 3.82
CA ASP B 320 -5.53 6.40 3.11
C ASP B 320 -6.07 7.38 2.08
N THR B 321 -7.12 6.97 1.36
CA THR B 321 -7.76 7.93 0.47
C THR B 321 -8.33 9.09 1.27
N PRO B 322 -8.41 10.27 0.67
CA PRO B 322 -9.05 11.39 1.38
C PRO B 322 -10.47 11.08 1.80
N GLU B 323 -11.23 10.33 0.99
N GLU B 323 -11.23 10.33 0.99
CA GLU B 323 -12.59 9.96 1.39
CA GLU B 323 -12.59 9.96 1.39
C GLU B 323 -12.57 9.20 2.72
C GLU B 323 -12.57 9.21 2.73
N ALA B 324 -11.73 8.18 2.84
CA ALA B 324 -11.64 7.42 4.09
C ALA B 324 -11.13 8.26 5.25
N LEU B 325 -10.06 9.05 5.02
CA LEU B 325 -9.47 9.87 6.09
C LEU B 325 -10.46 10.91 6.61
N ILE B 326 -11.22 11.53 5.71
CA ILE B 326 -12.32 12.39 6.11
C ILE B 326 -13.31 11.62 6.98
N ASN B 327 -13.84 10.51 6.44
CA ASN B 327 -14.90 9.78 7.13
C ASN B 327 -14.47 9.28 8.50
N ALA B 328 -13.16 9.21 8.74
CA ALA B 328 -12.61 8.67 9.97
C ALA B 328 -12.03 9.71 10.93
N GLY B 329 -11.99 10.98 10.55
CA GLY B 329 -11.14 11.95 11.25
C GLY B 329 -11.87 12.69 12.36
N ASP B 330 -11.14 12.94 13.44
CA ASP B 330 -11.63 13.75 14.56
C ASP B 330 -11.18 15.18 14.30
N PHE B 331 -12.14 16.05 13.98
CA PHE B 331 -11.83 17.43 13.61
C PHE B 331 -12.24 18.45 14.66
N HIS B 332 -12.43 18.02 15.91
CA HIS B 332 -12.76 18.96 16.96
C HIS B 332 -11.66 20.00 17.05
N GLY B 333 -12.03 21.26 17.22
CA GLY B 333 -11.04 22.31 17.36
C GLY B 333 -10.60 22.98 16.07
N LEU B 334 -11.22 22.65 14.95
CA LEU B 334 -10.87 23.20 13.64
C LEU B 334 -12.02 24.06 13.12
N GLN B 335 -11.69 25.17 12.50
CA GLN B 335 -12.67 26.01 11.82
C GLN B 335 -12.35 26.04 10.34
N VAL B 336 -13.39 25.95 9.51
CA VAL B 336 -13.26 25.75 8.08
C VAL B 336 -14.27 26.61 7.35
N LEU B 337 -13.83 27.28 6.29
CA LEU B 337 -14.67 28.05 5.41
C LEU B 337 -14.57 27.45 4.02
N VAL B 338 -15.70 27.03 3.45
CA VAL B 338 -15.71 26.32 2.17
C VAL B 338 -16.80 26.88 1.29
N GLY B 339 -16.61 26.77 -0.03
CA GLY B 339 -17.64 27.25 -0.91
C GLY B 339 -17.37 26.95 -2.36
N VAL B 340 -18.31 27.36 -3.19
CA VAL B 340 -18.28 27.10 -4.62
C VAL B 340 -18.83 28.34 -5.32
N VAL B 341 -18.52 28.48 -6.62
CA VAL B 341 -19.14 29.48 -7.47
C VAL B 341 -20.43 28.89 -8.02
N LYS B 342 -21.25 29.72 -8.69
CA LYS B 342 -22.62 29.28 -9.04
C LYS B 342 -22.63 28.26 -10.18
N ASP B 343 -21.70 28.37 -11.14
CA ASP B 343 -21.60 27.47 -12.30
C ASP B 343 -20.20 26.88 -12.37
N GLU B 344 -19.93 25.90 -11.51
CA GLU B 344 -18.58 25.32 -11.45
C GLU B 344 -18.19 24.68 -12.77
N GLY B 345 -19.11 23.97 -13.41
CA GLY B 345 -18.72 23.08 -14.48
C GLY B 345 -18.54 23.73 -15.82
N SER B 346 -19.22 24.86 -16.07
CA SER B 346 -19.31 25.41 -17.42
C SER B 346 -17.95 25.65 -18.04
N TYR B 347 -17.01 26.19 -17.28
CA TYR B 347 -15.74 26.62 -17.86
C TYR B 347 -14.99 25.44 -18.46
N PHE B 348 -15.24 24.23 -17.99
CA PHE B 348 -14.45 23.09 -18.44
C PHE B 348 -14.92 22.55 -19.78
N LEU B 349 -16.19 22.75 -20.12
CA LEU B 349 -16.79 22.13 -21.29
C LEU B 349 -16.13 22.58 -22.59
N VAL B 350 -15.58 23.79 -22.63
CA VAL B 350 -14.95 24.25 -23.86
C VAL B 350 -13.59 23.62 -24.09
N TYR B 351 -13.14 22.73 -23.21
CA TYR B 351 -11.88 22.02 -23.36
C TYR B 351 -12.08 20.57 -23.82
N GLY B 352 -13.25 20.22 -24.31
CA GLY B 352 -13.35 18.87 -24.81
C GLY B 352 -14.76 18.35 -25.06
N ALA B 353 -15.75 19.03 -24.52
CA ALA B 353 -17.08 18.48 -24.75
C ALA B 353 -17.55 18.82 -26.15
N PRO B 354 -18.13 17.86 -26.87
CA PRO B 354 -18.58 18.10 -28.25
C PRO B 354 -19.69 19.14 -28.32
N GLY B 355 -19.52 20.11 -29.23
CA GLY B 355 -20.51 21.15 -29.45
C GLY B 355 -20.33 22.42 -28.64
N PHE B 356 -19.23 22.57 -27.92
CA PHE B 356 -19.06 23.68 -26.99
C PHE B 356 -18.01 24.64 -27.53
N SER B 357 -18.25 25.93 -27.32
CA SER B 357 -17.31 26.94 -27.71
C SER B 357 -17.59 28.17 -26.85
N LYS B 358 -16.52 28.91 -26.52
CA LYS B 358 -16.76 30.23 -25.95
C LYS B 358 -17.41 31.16 -26.96
N ASP B 359 -17.31 30.84 -28.25
CA ASP B 359 -17.60 31.79 -29.31
C ASP B 359 -19.00 31.64 -29.87
N ASN B 360 -19.69 30.54 -29.61
CA ASN B 360 -21.13 30.59 -29.82
C ASN B 360 -21.90 30.38 -28.52
N GLU B 361 -23.14 29.95 -28.68
CA GLU B 361 -24.11 29.88 -27.60
C GLU B 361 -24.19 28.45 -27.07
N SER B 362 -23.52 27.52 -27.76
CA SER B 362 -23.27 26.16 -27.28
C SER B 362 -24.55 25.38 -27.00
N LEU B 363 -25.52 25.49 -27.90
CA LEU B 363 -26.81 24.82 -27.74
C LEU B 363 -26.69 23.42 -28.33
N ILE B 364 -26.19 22.49 -27.51
CA ILE B 364 -25.90 21.12 -27.94
C ILE B 364 -27.17 20.31 -28.15
N SER B 365 -27.01 19.22 -28.89
CA SER B 365 -28.03 18.24 -29.18
C SER B 365 -28.02 17.15 -28.12
N ARG B 366 -29.05 16.29 -28.16
CA ARG B 366 -29.11 15.19 -27.22
C ARG B 366 -27.94 14.23 -27.44
N ALA B 367 -27.58 13.99 -28.70
CA ALA B 367 -26.46 13.10 -28.95
C ALA B 367 -25.16 13.69 -28.42
N GLU B 368 -25.01 15.01 -28.54
CA GLU B 368 -23.83 15.65 -28.01
C GLU B 368 -23.85 15.66 -26.49
N PHE B 369 -25.04 15.81 -25.90
CA PHE B 369 -25.14 15.73 -24.46
C PHE B 369 -24.67 14.37 -23.94
N LEU B 370 -25.20 13.29 -24.50
CA LEU B 370 -24.78 11.95 -24.08
C LEU B 370 -23.28 11.77 -24.26
N ALA B 371 -22.77 12.16 -25.42
CA ALA B 371 -21.33 12.10 -25.62
C ALA B 371 -20.59 12.91 -24.57
N GLY B 372 -21.13 14.08 -24.23
CA GLY B 372 -20.47 14.92 -23.23
C GLY B 372 -20.42 14.28 -21.86
N VAL B 373 -21.44 13.50 -21.52
CA VAL B 373 -21.45 12.86 -20.21
C VAL B 373 -20.30 11.87 -20.05
N ARG B 374 -19.97 11.15 -21.13
CA ARG B 374 -18.83 10.23 -21.02
C ARG B 374 -17.52 10.99 -20.88
N VAL B 375 -17.47 12.24 -21.33
CA VAL B 375 -16.25 13.01 -21.22
C VAL B 375 -16.14 13.63 -19.83
N GLY B 376 -17.27 14.15 -19.32
CA GLY B 376 -17.27 14.75 -18.00
C GLY B 376 -17.24 13.74 -16.87
N VAL B 377 -17.75 12.54 -17.11
CA VAL B 377 -17.66 11.47 -16.13
C VAL B 377 -16.86 10.35 -16.78
N PRO B 378 -15.55 10.47 -16.85
CA PRO B 378 -14.74 9.43 -17.48
C PRO B 378 -14.40 8.32 -16.49
N GLN B 379 -14.02 7.15 -17.03
CA GLN B 379 -13.73 5.95 -16.21
C GLN B 379 -14.88 5.59 -15.26
N VAL B 380 -16.08 5.53 -15.79
CA VAL B 380 -17.17 4.87 -15.08
C VAL B 380 -17.80 3.88 -16.04
N SER B 381 -18.56 2.95 -15.47
CA SER B 381 -19.22 1.94 -16.28
C SER B 381 -20.33 2.56 -17.15
N ASP B 382 -20.75 1.82 -18.17
CA ASP B 382 -21.90 2.27 -18.94
C ASP B 382 -23.11 2.44 -18.04
N LEU B 383 -23.26 1.55 -17.06
CA LEU B 383 -24.35 1.66 -16.11
C LEU B 383 -24.26 2.95 -15.30
N ALA B 384 -23.08 3.23 -14.75
CA ALA B 384 -22.91 4.50 -14.06
C ALA B 384 -23.25 5.66 -14.98
N ALA B 385 -22.78 5.61 -16.23
CA ALA B 385 -23.05 6.70 -17.18
C ALA B 385 -24.54 6.85 -17.43
N GLU B 386 -25.26 5.71 -17.56
CA GLU B 386 -26.71 5.76 -17.71
C GLU B 386 -27.38 6.36 -16.48
N ALA B 387 -26.91 6.03 -15.27
CA ALA B 387 -27.47 6.66 -14.08
C ALA B 387 -27.29 8.17 -14.12
N VAL B 388 -26.18 8.66 -14.68
CA VAL B 388 -26.00 10.10 -14.78
C VAL B 388 -27.02 10.69 -15.74
N VAL B 389 -27.16 10.08 -16.92
CA VAL B 389 -28.09 10.56 -17.94
C VAL B 389 -29.50 10.62 -17.38
N LEU B 390 -29.87 9.67 -16.52
CA LEU B 390 -31.17 9.65 -15.88
C LEU B 390 -31.37 10.86 -14.97
N HIS B 391 -30.44 11.09 -14.05
N HIS B 391 -30.44 11.10 -14.05
CA HIS B 391 -30.65 12.11 -13.04
CA HIS B 391 -30.64 12.11 -13.03
C HIS B 391 -30.62 13.52 -13.61
C HIS B 391 -30.52 13.53 -13.57
N TYR B 392 -30.01 13.71 -14.78
CA TYR B 392 -29.75 15.05 -15.29
C TYR B 392 -30.55 15.38 -16.54
N THR B 393 -31.32 14.44 -17.06
CA THR B 393 -32.27 14.69 -18.12
C THR B 393 -33.57 15.21 -17.54
N ASP B 394 -34.15 16.23 -18.15
CA ASP B 394 -35.54 16.57 -17.88
C ASP B 394 -36.40 15.77 -18.86
N TRP B 395 -37.18 14.81 -18.35
CA TRP B 395 -37.87 13.89 -19.23
C TRP B 395 -39.16 14.44 -19.81
N LEU B 396 -39.54 15.67 -19.45
CA LEU B 396 -40.55 16.43 -20.17
C LEU B 396 -39.96 17.25 -21.32
N HIS B 397 -38.65 17.51 -21.28
CA HIS B 397 -37.96 18.27 -22.31
C HIS B 397 -36.63 17.59 -22.59
N PRO B 398 -36.67 16.34 -23.03
CA PRO B 398 -35.42 15.59 -23.12
C PRO B 398 -34.48 16.11 -24.17
N GLU B 399 -34.92 16.98 -25.07
CA GLU B 399 -34.00 17.36 -26.16
C GLU B 399 -33.95 18.87 -26.29
N ASP B 400 -34.25 19.60 -25.21
CA ASP B 400 -34.20 21.05 -25.29
C ASP B 400 -32.75 21.52 -25.17
N PRO B 401 -32.15 22.05 -26.24
CA PRO B 401 -30.70 22.32 -26.21
C PRO B 401 -30.25 23.16 -25.03
N ALA B 402 -31.04 24.14 -24.60
CA ALA B 402 -30.62 24.97 -23.49
C ALA B 402 -30.58 24.20 -22.19
N ARG B 403 -31.59 23.36 -21.95
CA ARG B 403 -31.60 22.52 -20.74
C ARG B 403 -30.42 21.55 -20.73
N LEU B 404 -30.09 20.99 -21.90
CA LEU B 404 -28.95 20.08 -21.99
C LEU B 404 -27.63 20.78 -21.67
N ARG B 405 -27.44 21.99 -22.19
CA ARG B 405 -26.21 22.73 -21.91
C ARG B 405 -26.06 22.95 -20.41
N GLU B 406 -27.12 23.41 -19.76
CA GLU B 406 -27.07 23.66 -18.34
C GLU B 406 -26.92 22.36 -17.56
N ALA B 407 -27.48 21.26 -18.08
CA ALA B 407 -27.38 19.98 -17.40
C ALA B 407 -25.96 19.44 -17.45
N LEU B 408 -25.32 19.48 -18.62
CA LEU B 408 -23.93 19.03 -18.70
C LEU B 408 -23.03 19.89 -17.84
N SER B 409 -23.30 21.20 -17.79
CA SER B 409 -22.59 22.07 -16.86
C SER B 409 -22.73 21.58 -15.42
N ASP B 410 -23.93 21.14 -15.05
CA ASP B 410 -24.15 20.70 -13.68
C ASP B 410 -23.53 19.34 -13.43
N VAL B 411 -23.48 18.47 -14.45
CA VAL B 411 -22.84 17.16 -14.32
C VAL B 411 -21.37 17.34 -13.94
N VAL B 412 -20.65 18.08 -14.77
CA VAL B 412 -19.22 18.28 -14.55
C VAL B 412 -18.97 19.04 -13.25
N GLY B 413 -19.75 20.09 -13.00
CA GLY B 413 -19.58 20.87 -11.78
C GLY B 413 -19.94 20.10 -10.52
N ASP B 414 -21.03 19.32 -10.56
CA ASP B 414 -21.43 18.58 -9.36
C ASP B 414 -20.44 17.46 -9.05
N HIS B 415 -19.99 16.76 -10.10
CA HIS B 415 -19.15 15.56 -9.95
C HIS B 415 -17.77 15.92 -9.41
N ASN B 416 -17.17 16.98 -9.93
CA ASN B 416 -15.80 17.33 -9.64
C ASN B 416 -15.64 18.36 -8.51
N VAL B 417 -16.65 19.18 -8.23
CA VAL B 417 -16.48 20.23 -7.23
C VAL B 417 -17.57 20.22 -6.18
N VAL B 418 -18.81 20.53 -6.58
CA VAL B 418 -19.84 20.81 -5.58
C VAL B 418 -20.08 19.60 -4.69
N CYS B 419 -20.18 18.42 -5.28
CA CYS B 419 -20.53 17.32 -4.39
C CYS B 419 -19.33 16.89 -3.53
N PRO B 420 -18.11 16.78 -4.08
CA PRO B 420 -16.93 16.61 -3.20
C PRO B 420 -16.87 17.62 -2.06
N VAL B 421 -17.04 18.91 -2.37
CA VAL B 421 -16.97 19.94 -1.33
C VAL B 421 -18.05 19.73 -0.29
N ALA B 422 -19.29 19.57 -0.74
CA ALA B 422 -20.37 19.26 0.18
C ALA B 422 -20.10 18.04 1.06
N GLN B 423 -19.52 16.95 0.56
CA GLN B 423 -19.38 15.76 1.45
C GLN B 423 -18.41 16.12 2.55
N LEU B 424 -17.33 16.76 2.17
CA LEU B 424 -16.28 17.24 3.06
C LEU B 424 -16.86 18.12 4.15
N ALA B 425 -17.66 19.12 3.74
CA ALA B 425 -18.25 20.03 4.71
C ALA B 425 -19.13 19.27 5.69
N GLY B 426 -20.07 18.48 5.18
CA GLY B 426 -20.91 17.60 5.98
C GLY B 426 -20.14 16.79 7.00
N ARG B 427 -19.19 15.96 6.55
CA ARG B 427 -18.46 15.12 7.50
C ARG B 427 -17.69 15.98 8.49
N LEU B 428 -17.08 17.07 8.03
CA LEU B 428 -16.31 17.89 8.95
C LEU B 428 -17.19 18.43 10.06
N ALA B 429 -18.37 18.94 9.73
CA ALA B 429 -19.26 19.49 10.75
C ALA B 429 -19.74 18.39 11.70
N ALA B 430 -20.18 17.27 11.12
CA ALA B 430 -20.63 16.12 11.90
C ALA B 430 -19.58 15.64 12.91
N GLN B 431 -18.29 15.88 12.62
CA GLN B 431 -17.21 15.25 13.37
C GLN B 431 -16.32 16.26 14.06
N GLY B 432 -16.87 17.39 14.49
CA GLY B 432 -16.20 18.24 15.47
C GLY B 432 -15.86 19.64 15.01
N ALA B 433 -15.87 19.92 13.70
CA ALA B 433 -15.35 21.18 13.20
C ALA B 433 -16.45 22.22 13.04
N ARG B 434 -16.09 23.48 13.21
CA ARG B 434 -17.00 24.56 12.87
C ARG B 434 -16.76 24.93 11.41
N VAL B 435 -17.83 24.95 10.63
CA VAL B 435 -17.76 25.08 9.18
C VAL B 435 -18.67 26.21 8.76
N TYR B 436 -18.21 27.04 7.81
CA TYR B 436 -19.04 28.04 7.17
C TYR B 436 -18.97 27.82 5.67
N ALA B 437 -20.12 27.96 5.00
CA ALA B 437 -20.20 27.58 3.61
C ALA B 437 -20.87 28.69 2.81
N TYR B 438 -20.49 28.80 1.54
CA TYR B 438 -20.93 29.92 0.74
C TYR B 438 -21.12 29.45 -0.68
N VAL B 439 -21.93 30.19 -1.43
CA VAL B 439 -21.99 30.07 -2.88
C VAL B 439 -21.77 31.46 -3.47
N PHE B 440 -20.72 31.59 -4.27
CA PHE B 440 -20.37 32.87 -4.85
C PHE B 440 -21.22 33.08 -6.11
N GLU B 441 -21.98 34.18 -6.14
CA GLU B 441 -23.06 34.33 -7.12
C GLU B 441 -22.97 35.58 -7.98
N HIS B 442 -21.81 36.23 -8.03
CA HIS B 442 -21.66 37.49 -8.75
C HIS B 442 -20.80 37.33 -9.99
N ARG B 443 -21.39 37.59 -11.14
CA ARG B 443 -20.63 37.61 -12.38
C ARG B 443 -19.92 38.95 -12.49
N ALA B 444 -18.59 38.93 -12.44
CA ALA B 444 -17.83 40.16 -12.58
C ALA B 444 -18.21 40.90 -13.85
N SER B 445 -18.25 42.22 -13.75
CA SER B 445 -18.59 43.03 -14.91
C SER B 445 -17.53 42.92 -16.01
N THR B 446 -16.27 42.71 -15.62
CA THR B 446 -15.13 42.65 -16.54
C THR B 446 -14.89 41.25 -17.06
N LEU B 447 -15.70 40.28 -16.66
CA LEU B 447 -15.52 38.93 -17.12
C LEU B 447 -15.66 38.89 -18.64
N SER B 448 -14.83 38.08 -19.29
CA SER B 448 -14.76 38.06 -20.75
C SER B 448 -15.22 36.74 -21.35
N TRP B 449 -15.54 35.75 -20.53
CA TRP B 449 -16.15 34.54 -21.03
C TRP B 449 -17.62 34.80 -21.35
N PRO B 450 -18.22 33.99 -22.22
CA PRO B 450 -19.61 34.26 -22.63
C PRO B 450 -20.61 34.20 -21.47
N LEU B 451 -21.73 34.90 -21.66
CA LEU B 451 -22.81 34.86 -20.67
C LEU B 451 -23.21 33.45 -20.27
N TRP B 452 -23.25 32.51 -21.23
CA TRP B 452 -23.87 31.22 -20.92
C TRP B 452 -23.09 30.45 -19.85
N MET B 453 -21.83 30.80 -19.60
CA MET B 453 -21.10 30.12 -18.54
C MET B 453 -21.41 30.64 -17.14
N GLY B 454 -22.18 31.72 -17.01
CA GLY B 454 -22.56 32.17 -15.67
C GLY B 454 -21.40 32.73 -14.89
N VAL B 455 -21.26 32.28 -13.65
CA VAL B 455 -20.15 32.65 -12.79
C VAL B 455 -19.20 31.45 -12.78
N PRO B 456 -18.17 31.42 -13.63
CA PRO B 456 -17.39 30.20 -13.83
C PRO B 456 -16.39 29.95 -12.70
N HIS B 457 -15.86 28.73 -12.73
CA HIS B 457 -14.74 28.32 -11.89
C HIS B 457 -13.63 29.36 -11.90
N GLY B 458 -13.26 29.85 -10.74
CA GLY B 458 -12.08 30.67 -10.62
C GLY B 458 -12.31 32.16 -10.50
N TYR B 459 -13.54 32.64 -10.76
CA TYR B 459 -13.78 34.07 -10.87
C TYR B 459 -14.39 34.67 -9.61
N GLU B 460 -14.24 34.02 -8.48
CA GLU B 460 -14.36 34.71 -7.20
C GLU B 460 -13.01 35.15 -6.66
N ILE B 461 -11.91 34.63 -7.21
CA ILE B 461 -10.61 34.82 -6.59
C ILE B 461 -10.23 36.30 -6.59
N GLU B 462 -10.53 37.00 -7.68
CA GLU B 462 -10.18 38.42 -7.79
C GLU B 462 -10.90 39.26 -6.74
N PHE B 463 -12.13 38.89 -6.39
CA PHE B 463 -12.81 39.63 -5.33
C PHE B 463 -12.22 39.33 -3.95
N ILE B 464 -11.68 38.13 -3.73
CA ILE B 464 -11.12 37.83 -2.41
C ILE B 464 -9.81 38.57 -2.19
N PHE B 465 -9.00 38.73 -3.24
CA PHE B 465 -7.74 39.45 -3.16
C PHE B 465 -7.91 40.95 -3.37
N GLY B 466 -9.13 41.43 -3.56
CA GLY B 466 -9.36 42.85 -3.65
C GLY B 466 -8.92 43.49 -4.94
N ILE B 467 -8.63 42.70 -5.96
CA ILE B 467 -8.24 43.23 -7.27
C ILE B 467 -9.14 44.36 -7.77
N PRO B 468 -10.46 44.38 -7.50
CA PRO B 468 -11.27 45.52 -7.97
C PRO B 468 -10.82 46.88 -7.46
N LEU B 469 -10.12 46.94 -6.31
CA LEU B 469 -9.60 48.18 -5.77
C LEU B 469 -8.42 48.77 -6.57
N ASP B 470 -7.82 47.99 -7.46
CA ASP B 470 -6.79 48.49 -8.38
C ASP B 470 -7.39 49.55 -9.27
N PRO B 471 -6.93 50.80 -9.21
CA PRO B 471 -7.63 51.86 -9.98
C PRO B 471 -7.60 51.62 -11.48
N SER B 472 -6.52 51.02 -11.97
CA SER B 472 -6.30 50.79 -13.39
C SER B 472 -7.15 49.66 -13.96
N ARG B 473 -8.09 49.14 -13.18
CA ARG B 473 -9.06 48.18 -13.69
C ARG B 473 -10.46 48.79 -13.66
N ASN B 474 -11.35 48.18 -14.42
CA ASN B 474 -12.63 48.81 -14.74
C ASN B 474 -13.77 48.19 -13.94
N TYR B 475 -13.60 48.02 -12.63
CA TYR B 475 -14.70 47.50 -11.85
C TYR B 475 -15.63 48.64 -11.42
N THR B 476 -16.90 48.29 -11.18
CA THR B 476 -17.91 49.23 -10.74
C THR B 476 -17.66 49.62 -9.29
N ALA B 477 -18.33 50.69 -8.86
CA ALA B 477 -18.22 51.05 -7.45
C ALA B 477 -18.84 50.00 -6.56
N GLU B 478 -19.92 49.34 -7.03
CA GLU B 478 -20.51 48.24 -6.27
C GLU B 478 -19.51 47.12 -6.06
N GLU B 479 -18.83 46.73 -7.13
CA GLU B 479 -17.89 45.63 -7.07
C GLU B 479 -16.75 45.91 -6.11
N LYS B 480 -16.38 47.20 -5.94
CA LYS B 480 -15.34 47.56 -4.98
C LYS B 480 -15.84 47.45 -3.54
N ILE B 481 -17.11 47.83 -3.29
CA ILE B 481 -17.66 47.60 -1.96
C ILE B 481 -17.75 46.11 -1.66
N PHE B 482 -18.24 45.33 -2.65
CA PHE B 482 -18.42 43.90 -2.45
C PHE B 482 -17.08 43.21 -2.17
N ALA B 483 -16.03 43.62 -2.88
CA ALA B 483 -14.70 43.09 -2.60
C ALA B 483 -14.25 43.42 -1.18
N GLN B 484 -14.57 44.61 -0.67
CA GLN B 484 -14.13 44.94 0.68
C GLN B 484 -14.92 44.14 1.70
N ARG B 485 -16.17 43.81 1.38
CA ARG B 485 -16.96 42.90 2.22
C ARG B 485 -16.28 41.54 2.31
N LEU B 486 -15.99 40.93 1.16
CA LEU B 486 -15.38 39.61 1.13
C LEU B 486 -14.03 39.58 1.85
N MET B 487 -13.16 40.57 1.59
CA MET B 487 -11.89 40.60 2.30
C MET B 487 -12.10 40.65 3.81
N ARG B 488 -13.15 41.33 4.25
CA ARG B 488 -13.45 41.39 5.67
C ARG B 488 -13.85 40.02 6.20
N TYR B 489 -14.76 39.33 5.49
CA TYR B 489 -15.17 37.97 5.87
C TYR B 489 -13.97 37.04 5.98
N TRP B 490 -13.15 36.99 4.93
CA TRP B 490 -11.95 36.15 4.95
C TRP B 490 -11.02 36.53 6.08
N ALA B 491 -10.82 37.83 6.29
CA ALA B 491 -9.88 38.24 7.33
C ALA B 491 -10.43 37.95 8.71
N ASN B 492 -11.73 38.25 8.91
CA ASN B 492 -12.39 37.89 10.16
C ASN B 492 -12.26 36.41 10.44
N PHE B 493 -12.46 35.59 9.42
CA PHE B 493 -12.31 34.15 9.61
C PHE B 493 -10.88 33.81 10.02
N ALA B 494 -9.90 34.47 9.41
CA ALA B 494 -8.51 34.14 9.71
C ALA B 494 -8.16 34.52 11.15
N ARG B 495 -8.74 35.63 11.62
CA ARG B 495 -8.47 36.13 12.97
C ARG B 495 -9.18 35.32 14.04
N THR B 496 -10.51 35.14 13.88
CA THR B 496 -11.40 34.62 14.91
C THR B 496 -11.97 33.24 14.62
N GLY B 497 -11.81 32.73 13.40
CA GLY B 497 -12.46 31.48 13.03
C GLY B 497 -13.92 31.62 12.73
N ASP B 498 -14.39 32.85 12.51
CA ASP B 498 -15.79 33.16 12.34
C ASP B 498 -15.87 34.38 11.43
N PRO B 499 -16.47 34.24 10.25
CA PRO B 499 -16.51 35.37 9.30
C PRO B 499 -17.38 36.54 9.75
N ASN B 500 -18.07 36.40 10.88
CA ASN B 500 -18.91 37.47 11.39
C ASN B 500 -18.13 38.38 12.33
N GLU B 501 -18.65 39.59 12.50
CA GLU B 501 -18.14 40.60 13.40
C GLU B 501 -19.29 41.19 14.19
N PRO B 502 -19.03 41.58 15.44
CA PRO B 502 -20.10 42.11 16.31
C PRO B 502 -20.86 43.32 15.72
N PRO B 508 -26.74 41.04 8.68
CA PRO B 508 -27.27 39.70 8.93
C PRO B 508 -26.17 38.68 9.18
N GLN B 509 -26.48 37.63 9.94
CA GLN B 509 -25.44 36.72 10.39
C GLN B 509 -25.25 35.60 9.38
N TRP B 510 -24.00 35.10 9.35
CA TRP B 510 -23.61 33.93 8.58
C TRP B 510 -23.58 32.73 9.52
N PRO B 511 -24.52 31.79 9.40
CA PRO B 511 -24.60 30.67 10.36
C PRO B 511 -23.68 29.54 9.96
N PRO B 512 -23.21 28.76 10.93
CA PRO B 512 -22.45 27.56 10.61
C PRO B 512 -23.24 26.53 9.80
N TYR B 513 -22.56 25.95 8.81
CA TYR B 513 -23.07 24.78 8.11
C TYR B 513 -23.06 23.60 9.08
N THR B 514 -24.16 22.84 9.07
CA THR B 514 -24.32 21.65 9.90
C THR B 514 -24.92 20.55 9.04
N ALA B 515 -24.66 19.29 9.45
CA ALA B 515 -25.01 18.15 8.60
C ALA B 515 -26.51 18.04 8.41
N GLY B 516 -27.31 18.51 9.36
CA GLY B 516 -28.75 18.44 9.27
C GLY B 516 -29.37 19.65 8.61
N ALA B 517 -28.93 20.85 9.01
CA ALA B 517 -29.51 22.05 8.44
C ALA B 517 -28.88 22.45 7.11
N GLN B 518 -27.66 21.97 6.80
CA GLN B 518 -26.93 22.43 5.63
C GLN B 518 -27.14 23.90 5.27
N GLN B 519 -26.84 24.81 6.19
CA GLN B 519 -27.00 26.24 5.93
C GLN B 519 -25.75 26.89 5.29
N TYR B 520 -25.97 27.70 4.25
CA TYR B 520 -24.91 28.43 3.56
C TYR B 520 -25.43 29.80 3.15
N VAL B 521 -24.51 30.67 2.68
CA VAL B 521 -24.86 32.05 2.32
C VAL B 521 -24.52 32.30 0.85
N SER B 522 -25.22 33.26 0.26
CA SER B 522 -24.95 33.70 -1.10
C SER B 522 -24.08 34.95 -1.04
N LEU B 523 -22.99 34.94 -1.77
CA LEU B 523 -22.10 36.08 -1.83
C LEU B 523 -22.35 36.78 -3.16
N ASP B 524 -23.00 37.93 -3.11
CA ASP B 524 -23.07 38.84 -4.27
C ASP B 524 -23.34 40.25 -3.76
N LEU B 525 -23.80 41.13 -4.66
CA LEU B 525 -23.92 42.54 -4.33
C LEU B 525 -24.99 42.78 -3.26
N ARG B 526 -26.11 42.03 -3.34
CA ARG B 526 -27.15 42.04 -2.31
C ARG B 526 -26.59 41.55 -0.97
N PRO B 527 -27.22 41.89 0.15
CA PRO B 527 -26.73 41.43 1.46
C PRO B 527 -26.88 39.92 1.59
N LEU B 528 -26.19 39.37 2.60
CA LEU B 528 -26.23 37.94 2.87
C LEU B 528 -27.66 37.42 2.93
N GLU B 529 -27.89 36.29 2.26
CA GLU B 529 -29.15 35.56 2.22
C GLU B 529 -28.83 34.12 2.58
N VAL B 530 -29.50 33.58 3.60
CA VAL B 530 -29.25 32.21 4.05
C VAL B 530 -30.11 31.22 3.25
N ARG B 531 -29.46 30.25 2.61
CA ARG B 531 -30.12 29.18 1.88
C ARG B 531 -29.81 27.84 2.52
N ARG B 532 -30.33 26.79 1.92
CA ARG B 532 -30.29 25.50 2.60
C ARG B 532 -29.98 24.40 1.58
N GLY B 533 -28.97 23.59 1.89
CA GLY B 533 -28.58 22.47 1.06
C GLY B 533 -27.78 22.79 -0.19
N LEU B 534 -26.50 22.40 -0.19
CA LEU B 534 -25.61 22.55 -1.35
C LEU B 534 -25.94 21.45 -2.35
N ARG B 535 -26.83 21.80 -3.28
N ARG B 535 -26.81 21.79 -3.32
CA ARG B 535 -27.33 20.88 -4.31
CA ARG B 535 -27.29 20.85 -4.33
C ARG B 535 -27.56 19.48 -3.71
C ARG B 535 -27.57 19.47 -3.71
N ALA B 536 -28.41 19.47 -2.67
CA ALA B 536 -28.55 18.26 -1.84
C ALA B 536 -29.07 17.06 -2.62
N GLN B 537 -30.10 17.25 -3.47
CA GLN B 537 -30.63 16.11 -4.21
C GLN B 537 -29.57 15.56 -5.17
N ALA B 538 -28.87 16.45 -5.87
CA ALA B 538 -27.79 16.00 -6.75
C ALA B 538 -26.73 15.26 -5.95
N CYS B 539 -26.29 15.84 -4.85
CA CYS B 539 -25.13 15.27 -4.22
C CYS B 539 -25.44 13.94 -3.55
N ALA B 540 -26.70 13.70 -3.18
CA ALA B 540 -27.05 12.36 -2.71
C ALA B 540 -26.69 11.33 -3.77
N PHE B 541 -26.93 11.68 -5.04
CA PHE B 541 -26.58 10.77 -6.12
C PHE B 541 -25.07 10.48 -6.15
N TRP B 542 -24.25 11.54 -6.14
CA TRP B 542 -22.81 11.35 -6.34
C TRP B 542 -22.12 10.80 -5.09
N ASN B 543 -22.57 11.22 -3.90
CA ASN B 543 -21.88 10.89 -2.64
C ASN B 543 -22.42 9.63 -1.96
N ARG B 544 -23.70 9.31 -2.10
CA ARG B 544 -24.27 8.10 -1.50
C ARG B 544 -24.44 6.97 -2.52
N PHE B 545 -25.22 7.20 -3.59
CA PHE B 545 -25.54 6.10 -4.50
C PHE B 545 -24.36 5.71 -5.39
N LEU B 546 -23.83 6.65 -6.17
CA LEU B 546 -22.87 6.29 -7.22
C LEU B 546 -21.70 5.43 -6.76
N PRO B 547 -21.05 5.69 -5.62
CA PRO B 547 -20.00 4.76 -5.17
C PRO B 547 -20.52 3.32 -5.08
N LYS B 548 -21.61 3.13 -4.34
CA LYS B 548 -22.24 1.78 -4.17
C LYS B 548 -22.45 1.13 -5.53
N LEU B 549 -22.78 1.91 -6.54
CA LEU B 549 -22.92 1.29 -7.87
C LEU B 549 -21.57 0.79 -8.39
N LEU B 550 -20.53 1.61 -8.27
CA LEU B 550 -19.18 1.23 -8.67
C LEU B 550 -18.67 0.09 -7.79
C1 NAG C . -5.79 -5.58 23.61
C2 NAG C . -7.09 -5.00 24.20
C3 NAG C . -8.11 -4.67 23.10
C4 NAG C . -7.46 -3.91 21.95
C5 NAG C . -6.20 -4.64 21.50
C6 NAG C . -5.44 -3.95 20.40
C7 NAG C . -7.89 -5.64 26.44
C8 NAG C . -7.51 -4.27 26.88
N2 NAG C . -7.67 -5.93 25.16
O3 NAG C . -9.16 -3.90 23.66
O4 NAG C . -8.39 -3.82 20.88
O5 NAG C . -5.31 -4.74 22.61
O6 NAG C . -5.31 -2.57 20.69
O7 NAG C . -8.38 -6.47 27.22
C1 NAG C . -8.41 -2.48 20.33
C2 NAG C . -8.99 -2.62 18.92
C3 NAG C . -9.18 -1.25 18.26
C4 NAG C . -9.84 -0.26 19.20
C5 NAG C . -9.13 -0.26 20.55
C6 NAG C . -9.75 0.67 21.57
C7 NAG C . -8.45 -4.66 17.64
C8 NAG C . -7.41 -5.36 16.83
N2 NAG C . -8.11 -3.45 18.11
O3 NAG C . -9.99 -1.42 17.11
O4 NAG C . -9.77 1.05 18.64
O5 NAG C . -9.19 -1.58 21.09
O6 NAG C . -8.81 1.00 22.59
O7 NAG C . -9.55 -5.15 17.85
C1 FUC C . -3.96 -2.16 20.32
C2 FUC C . -4.03 -0.63 20.33
C3 FUC C . -4.39 -0.13 21.72
C4 FUC C . -3.35 -0.62 22.72
C5 FUC C . -3.25 -2.16 22.65
C6 FUC C . -2.11 -2.71 23.47
O2 FUC C . -4.98 -0.18 19.38
O3 FUC C . -4.41 1.27 21.76
O4 FUC C . -2.09 -0.06 22.40
O5 FUC C . -3.04 -2.62 21.31
C1 NAG D . -20.39 26.11 -31.47
C2 NAG D . -21.32 25.43 -32.48
C3 NAG D . -20.90 23.98 -32.73
C4 NAG D . -19.40 23.87 -32.97
C5 NAG D . -18.64 24.61 -31.88
C6 NAG D . -17.14 24.63 -32.08
C7 NAG D . -23.67 26.17 -32.64
C8 NAG D . -23.27 26.88 -33.90
N2 NAG D . -22.70 25.49 -32.01
O3 NAG D . -21.61 23.48 -33.84
O4 NAG D . -19.05 22.49 -32.96
O5 NAG D . -19.07 25.97 -31.88
O6 NAG D . -16.82 24.93 -33.43
O7 NAG D . -24.81 26.20 -32.20
C1 NAG D . -18.20 22.18 -34.07
C2 NAG D . -17.47 20.88 -33.68
C3 NAG D . -16.62 20.36 -34.83
C4 NAG D . -17.36 20.40 -36.17
C5 NAG D . -18.00 21.76 -36.37
C6 NAG D . -18.79 21.88 -37.64
C7 NAG D . -16.90 20.55 -31.31
C8 NAG D . -15.94 20.90 -30.22
N2 NAG D . -16.66 21.10 -32.50
O3 NAG D . -16.24 19.01 -34.54
O4 NAG D . -16.46 20.14 -37.24
O5 NAG D . -18.89 22.01 -35.28
O6 NAG D . -18.95 23.25 -38.02
O7 NAG D . -17.84 19.79 -31.13
C1 FUC D . -15.66 25.79 -33.46
C2 FUC D . -15.15 25.74 -34.88
C3 FUC D . -16.23 26.28 -35.81
C4 FUC D . -16.57 27.71 -35.40
C5 FUC D . -16.98 27.74 -33.91
C6 FUC D . -17.15 29.13 -33.37
O2 FUC D . -14.79 24.41 -35.25
O3 FUC D . -15.78 26.30 -37.14
O4 FUC D . -15.43 28.53 -35.58
O5 FUC D . -15.99 27.09 -33.07
C11 H0R E . -0.87 -13.59 8.28
C1 H0R E . 0.08 -8.04 5.54
C3 H0R E . -1.24 -9.62 6.51
C4 H0R E . -0.03 -10.21 6.91
C5 H0R E . -0.02 -11.51 7.47
C6 H0R E . -1.20 -12.20 7.64
C7 H0R E . -2.46 -11.58 7.22
C8 H0R E . -2.46 -10.32 6.67
C10 H0R E . -4.79 -10.59 6.30
C13 H0R E . 0.64 -13.73 8.42
C14 H0R E . 1.13 -14.19 9.86
C15 H0R E . 2.03 -15.48 9.82
C17 H0R E . 1.73 -15.84 11.18
C18 H0R E . 3.01 -16.39 11.82
C20 H0R E . 5.30 -16.51 11.55
C21 H0R E . 6.05 -17.71 10.84
C22 H0R E . 6.78 -17.44 9.68
C23 H0R E . 7.47 -18.51 9.02
C24 H0R E . 7.44 -19.81 9.51
C25 H0R E . 6.72 -20.09 10.67
C26 H0R E . 6.02 -19.03 11.34
C28 H0R E . 4.34 -14.84 10.48
C29 H0R E . 3.20 -14.66 9.48
C30 H0R E . 1.18 -12.38 8.01
F16 H0R E . 1.16 -15.98 8.84
F27 H0R E . 5.34 -19.35 12.46
N19 H0R E . 4.24 -16.17 11.01
O2 H0R E . -1.20 -8.35 5.96
O9 H0R E . -3.63 -9.71 6.27
O12 H0R E . -1.68 -14.40 8.59
C11 H0R F . -8.92 21.22 -18.84
C1 H0R F . -4.64 20.34 -23.52
C3 H0R F . -6.52 19.84 -22.22
C4 H0R F . -6.30 21.07 -21.52
C5 H0R F . -7.13 21.43 -20.43
C6 H0R F . -8.15 20.59 -20.05
C7 H0R F . -8.38 19.34 -20.77
C8 H0R F . -7.57 19.00 -21.82
C10 H0R F . -8.75 16.96 -21.89
C13 H0R F . -8.13 22.45 -18.37
C14 H0R F . -8.94 23.81 -18.15
C15 H0R F . -9.13 24.27 -16.65
C17 H0R F . -9.94 25.38 -17.03
C18 H0R F . -9.14 26.70 -16.97
C20 H0R F . -8.00 27.91 -15.41
C21 H0R F . -7.83 28.12 -13.84
C22 H0R F . -6.55 28.05 -13.25
C23 H0R F . -6.39 28.20 -11.83
C24 H0R F . -7.49 28.43 -11.01
C25 H0R F . -8.76 28.49 -11.56
C26 H0R F . -8.91 28.34 -12.97
C28 H0R F . -7.45 25.70 -15.55
C29 H0R F . -7.71 24.44 -16.39
C30 H0R F . -7.14 22.69 -19.47
F16 H0R F . -9.68 22.99 -16.49
F27 H0R F . -10.17 28.42 -13.44
N19 H0R F . -8.42 26.77 -15.70
O2 H0R F . -5.71 19.47 -23.30
O9 H0R F . -7.77 17.83 -22.52
O12 H0R F . -9.94 20.73 -18.46
#